data_4TVS
#
_entry.id   4TVS
#
_cell.length_a   69.786
_cell.length_b   74.021
_cell.length_c   85.425
_cell.angle_alpha   90.00
_cell.angle_beta   108.79
_cell.angle_gamma   90.00
#
_symmetry.space_group_name_H-M   'P 1 21 1'
#
loop_
_entity.id
_entity.type
_entity.pdbx_description
1 polymer 'Torsin-1A-interacting protein 1'
2 polymer 'VHH Domain BS-1'
3 non-polymer 'SULFATE ION'
4 non-polymer GLYCEROL
5 water water
#
loop_
_entity_poly.entity_id
_entity_poly.type
_entity_poly.pdbx_seq_one_letter_code
_entity_poly.pdbx_strand_id
1 'polypeptide(L)'
;GPGSTPEVETTAVQEFQNQMNQLKNKYQGQDEKLWKRSQTFLEKHLNSSHPRSQPAILLLTAARDAEEALRCLSEQIADA
YSSFRSVRAIRIDGTDKATQDSDTVKLEVDQELSNGFKNGQNAAVVHRFESFPAGSTLIFYKYCDHENAAFKDVALVLTV
LLEEETLGTSLGLKEVEEKVRDFLKVKFTNSNTPNSYNHMDPDKLNGLWSRISHLVLPVQPENALKRGICL
;
A,B
2 'polypeptide(L)'
;MQVQLVESGGGLVQAGGSLRLSCAASGRTLSSYAVGWFRQAPGLEREFVATISRSGGSTHYADSVKGRFTISRDNAKNTV
YLQMNSLKPEDTAVYYCAATFTPDGSWYYTRGSSYDYWGQGTQVTVSSHHHHHH
;
a,b
#
# COMPACT_ATOMS: atom_id res chain seq x y z
N VAL A 8 -3.75 2.83 -7.06
CA VAL A 8 -2.38 2.34 -6.99
C VAL A 8 -2.09 2.01 -5.55
N GLU A 9 -1.16 1.06 -5.36
CA GLU A 9 -0.86 0.47 -4.06
C GLU A 9 -0.02 1.39 -3.15
N THR A 10 -0.39 1.48 -1.88
CA THR A 10 0.33 2.32 -0.93
C THR A 10 1.19 1.52 0.05
N THR A 11 1.96 2.23 0.88
CA THR A 11 2.76 1.55 1.88
C THR A 11 1.82 0.98 2.94
N ALA A 12 0.67 1.61 3.17
CA ALA A 12 -0.27 1.06 4.14
C ALA A 12 -0.72 -0.31 3.67
N VAL A 13 -0.96 -0.44 2.36
CA VAL A 13 -1.44 -1.72 1.83
C VAL A 13 -0.32 -2.78 1.88
N GLN A 14 0.91 -2.36 1.60
CA GLN A 14 2.02 -3.31 1.64
C GLN A 14 2.23 -3.87 3.04
N GLU A 15 2.08 -3.04 4.07
CA GLU A 15 2.17 -3.53 5.43
C GLU A 15 1.00 -4.46 5.71
N PHE A 16 -0.19 -4.09 5.21
CA PHE A 16 -1.41 -4.88 5.43
C PHE A 16 -1.23 -6.28 4.81
N GLN A 17 -0.71 -6.30 3.59
CA GLN A 17 -0.47 -7.56 2.84
C GLN A 17 0.57 -8.37 3.53
N ASN A 18 1.57 -7.71 4.13
CA ASN A 18 2.61 -8.45 4.88
C ASN A 18 1.98 -9.23 6.01
N GLN A 19 1.11 -8.55 6.76
CA GLN A 19 0.48 -9.20 7.88
C GLN A 19 -0.53 -10.26 7.40
N MET A 20 -1.36 -9.97 6.39
CA MET A 20 -2.33 -10.96 5.92
C MET A 20 -1.66 -12.23 5.36
N ASN A 21 -0.59 -12.04 4.61
CA ASN A 21 0.21 -13.21 4.17
C ASN A 21 0.64 -14.13 5.32
N GLN A 22 1.13 -13.54 6.39
CA GLN A 22 1.47 -14.28 7.60
C GLN A 22 0.27 -15.00 8.20
N LEU A 23 -0.88 -14.31 8.26
CA LEU A 23 -2.08 -14.98 8.75
C LEU A 23 -2.42 -16.18 7.87
N LYS A 24 -2.41 -16.00 6.54
CA LYS A 24 -2.78 -17.09 5.64
C LYS A 24 -1.88 -18.33 5.86
N ASN A 25 -0.60 -18.06 6.13
CA ASN A 25 0.41 -19.07 6.37
C ASN A 25 0.22 -19.73 7.76
N LYS A 26 -0.33 -18.98 8.71
CA LYS A 26 -0.53 -19.57 10.03
C LYS A 26 -1.84 -20.35 10.07
N TYR A 27 -2.86 -19.81 9.41
CA TYR A 27 -4.20 -20.40 9.49
C TYR A 27 -4.54 -21.00 8.14
N GLN A 28 -4.17 -22.27 7.92
CA GLN A 28 -4.30 -22.85 6.59
C GLN A 28 -5.60 -23.63 6.42
N GLY A 29 -6.46 -23.57 7.42
CA GLY A 29 -7.70 -24.33 7.35
C GLY A 29 -8.91 -23.50 6.86
N GLN A 30 -8.66 -22.34 6.29
CA GLN A 30 -9.78 -21.41 5.89
C GLN A 30 -10.14 -21.58 4.41
N ASP A 31 -11.32 -21.09 4.06
CA ASP A 31 -11.72 -21.01 2.65
C ASP A 31 -10.80 -19.99 1.96
N GLU A 32 -10.32 -20.25 0.75
CA GLU A 32 -9.54 -19.21 0.06
C GLU A 32 -10.29 -17.91 -0.08
N LYS A 33 -11.61 -17.99 -0.12
CA LYS A 33 -12.35 -16.76 -0.33
C LYS A 33 -12.38 -15.88 0.91
N LEU A 34 -12.10 -16.42 2.09
CA LEU A 34 -11.99 -15.59 3.26
C LEU A 34 -10.88 -14.57 3.04
N TRP A 35 -9.72 -15.05 2.60
CA TRP A 35 -8.58 -14.18 2.44
C TRP A 35 -8.72 -13.30 1.23
N LYS A 36 -9.17 -13.87 0.11
CA LYS A 36 -9.28 -13.12 -1.11
C LYS A 36 -10.26 -11.97 -0.92
N ARG A 37 -11.43 -12.30 -0.43
CA ARG A 37 -12.49 -11.26 -0.38
C ARG A 37 -12.20 -10.26 0.75
N SER A 38 -11.70 -10.70 1.92
CA SER A 38 -11.44 -9.70 2.98
C SER A 38 -10.27 -8.76 2.57
N GLN A 39 -9.22 -9.31 1.92
CA GLN A 39 -8.13 -8.43 1.52
C GLN A 39 -8.59 -7.46 0.47
N THR A 40 -9.36 -7.93 -0.50
CA THR A 40 -9.82 -7.01 -1.57
C THR A 40 -10.62 -5.85 -0.96
N PHE A 41 -11.49 -6.20 -0.02
CA PHE A 41 -12.44 -5.26 0.63
C PHE A 41 -11.64 -4.22 1.45
N LEU A 42 -10.71 -4.70 2.27
CA LEU A 42 -10.00 -3.82 3.19
C LEU A 42 -8.95 -3.04 2.48
N GLU A 43 -8.27 -3.62 1.47
CA GLU A 43 -7.30 -2.84 0.70
C GLU A 43 -7.94 -1.69 -0.01
N LYS A 44 -9.16 -1.93 -0.49
CA LYS A 44 -9.84 -0.90 -1.30
C LYS A 44 -10.10 0.31 -0.42
N HIS A 45 -10.59 0.03 0.78
CA HIS A 45 -10.77 1.11 1.75
C HIS A 45 -9.43 1.81 2.07
N LEU A 46 -8.36 1.05 2.37
CA LEU A 46 -7.04 1.63 2.67
C LEU A 46 -6.49 2.47 1.54
N ASN A 47 -6.73 2.03 0.29
CA ASN A 47 -6.38 2.77 -0.93
C ASN A 47 -7.36 3.85 -1.38
N SER A 48 -8.49 4.02 -0.69
CA SER A 48 -9.52 4.95 -1.24
C SER A 48 -9.14 6.40 -0.97
N SER A 49 -9.56 7.32 -1.86
CA SER A 49 -9.14 8.73 -1.78
C SER A 49 -9.85 9.40 -0.60
N HIS A 50 -9.25 10.44 -0.06
CA HIS A 50 -9.93 11.28 0.94
C HIS A 50 -10.76 12.33 0.21
N PRO A 51 -11.95 12.70 0.75
CA PRO A 51 -12.62 12.08 1.89
C PRO A 51 -13.23 10.72 1.55
N ARG A 52 -13.15 9.82 2.52
CA ARG A 52 -13.84 8.54 2.49
C ARG A 52 -15.29 8.75 2.80
N SER A 53 -16.15 7.85 2.32
CA SER A 53 -17.58 8.07 2.60
C SER A 53 -18.13 7.11 3.67
N GLN A 54 -17.39 6.05 3.99
CA GLN A 54 -17.89 4.98 4.83
C GLN A 54 -16.67 4.27 5.38
N PRO A 55 -16.72 3.84 6.65
CA PRO A 55 -15.68 2.95 7.18
C PRO A 55 -15.72 1.60 6.56
N ALA A 56 -14.65 0.80 6.70
CA ALA A 56 -14.71 -0.55 6.17
C ALA A 56 -15.34 -1.39 7.26
N ILE A 57 -16.44 -2.06 6.96
CA ILE A 57 -17.16 -2.87 7.92
C ILE A 57 -17.22 -4.29 7.40
N LEU A 58 -16.51 -5.17 8.11
CA LEU A 58 -16.36 -6.60 7.76
C LEU A 58 -17.03 -7.43 8.83
N LEU A 59 -17.91 -8.33 8.43
CA LEU A 59 -18.59 -9.19 9.36
C LEU A 59 -18.09 -10.66 9.20
N LEU A 60 -17.49 -11.21 10.24
CA LEU A 60 -17.04 -12.63 10.22
C LEU A 60 -17.95 -13.45 11.07
N THR A 61 -18.29 -14.65 10.64
CA THR A 61 -19.15 -15.50 11.46
C THR A 61 -18.53 -16.91 11.54
N ALA A 62 -19.01 -17.67 12.51
CA ALA A 62 -18.58 -19.06 12.70
C ALA A 62 -19.54 -19.84 13.55
N ALA A 63 -19.50 -21.16 13.40
CA ALA A 63 -20.27 -22.06 14.24
C ALA A 63 -19.44 -22.34 15.48
N ARG A 64 -20.02 -23.07 16.44
CA ARG A 64 -19.38 -23.33 17.72
C ARG A 64 -18.06 -24.04 17.58
N ASP A 65 -17.95 -24.95 16.60
CA ASP A 65 -16.71 -25.72 16.44
C ASP A 65 -15.57 -24.84 15.91
N ALA A 66 -15.83 -23.57 15.67
CA ALA A 66 -14.77 -22.66 15.20
C ALA A 66 -14.69 -21.39 16.05
N GLU A 67 -15.17 -21.46 17.30
CA GLU A 67 -15.18 -20.31 18.17
C GLU A 67 -13.79 -19.66 18.33
N GLU A 68 -12.76 -20.48 18.48
CA GLU A 68 -11.46 -19.89 18.75
C GLU A 68 -10.87 -19.23 17.47
N ALA A 69 -11.06 -19.89 16.33
CA ALA A 69 -10.63 -19.26 15.08
C ALA A 69 -11.35 -17.93 14.81
N LEU A 70 -12.63 -17.90 15.09
CA LEU A 70 -13.40 -16.65 14.89
C LEU A 70 -12.75 -15.55 15.73
N ARG A 71 -12.44 -15.84 17.00
CA ARG A 71 -11.92 -14.81 17.90
C ARG A 71 -10.55 -14.38 17.46
N CYS A 72 -9.67 -15.35 17.10
CA CYS A 72 -8.30 -14.98 16.75
C CYS A 72 -8.20 -14.27 15.40
N LEU A 73 -8.84 -14.82 14.38
CA LEU A 73 -8.64 -14.31 13.03
C LEU A 73 -9.29 -12.92 12.95
N SER A 74 -10.39 -12.69 13.68
CA SER A 74 -11.07 -11.37 13.54
C SER A 74 -10.15 -10.31 14.13
N GLU A 75 -9.61 -10.58 15.32
CA GLU A 75 -8.75 -9.60 15.94
C GLU A 75 -7.41 -9.40 15.17
N GLN A 76 -6.86 -10.47 14.57
CA GLN A 76 -5.59 -10.35 13.88
C GLN A 76 -5.77 -9.68 12.49
N ILE A 77 -6.92 -9.86 11.86
CA ILE A 77 -7.22 -9.12 10.61
C ILE A 77 -7.39 -7.64 10.96
N ALA A 78 -8.03 -7.35 12.08
CA ALA A 78 -8.20 -5.94 12.43
C ALA A 78 -6.82 -5.35 12.74
N ASP A 79 -5.97 -6.10 13.46
CA ASP A 79 -4.64 -5.58 13.75
C ASP A 79 -3.84 -5.44 12.44
N ALA A 80 -4.06 -6.36 11.51
CA ALA A 80 -3.35 -6.25 10.22
C ALA A 80 -3.70 -4.93 9.50
N TYR A 81 -4.98 -4.52 9.57
CA TYR A 81 -5.39 -3.22 8.99
C TYR A 81 -4.62 -2.07 9.61
N SER A 82 -4.46 -2.08 10.95
CA SER A 82 -3.72 -1.05 11.63
C SER A 82 -2.19 -1.12 11.67
N SER A 83 -1.59 -2.19 11.09
CA SER A 83 -0.15 -2.41 11.28
C SER A 83 0.68 -1.24 10.76
N PHE A 84 0.25 -0.58 9.68
CA PHE A 84 0.98 0.58 9.18
CA PHE A 84 1.00 0.58 9.18
C PHE A 84 1.06 1.67 10.24
N ARG A 85 0.13 1.63 11.20
CA ARG A 85 0.08 2.66 12.25
C ARG A 85 0.73 2.17 13.54
N SER A 86 1.23 0.94 13.55
CA SER A 86 1.94 0.47 14.75
C SER A 86 1.09 0.58 16.01
N VAL A 87 -0.18 0.31 15.87
CA VAL A 87 -1.08 0.24 17.02
C VAL A 87 -1.97 -0.94 16.78
N ARG A 88 -2.50 -1.49 17.87
CA ARG A 88 -3.44 -2.57 17.80
C ARG A 88 -4.85 -2.01 17.58
N ALA A 89 -5.76 -2.86 17.12
CA ALA A 89 -7.14 -2.49 17.00
C ALA A 89 -7.74 -2.38 18.40
N ILE A 90 -8.77 -1.57 18.51
CA ILE A 90 -9.61 -1.47 19.72
C ILE A 90 -10.31 -2.81 19.89
N ARG A 91 -10.35 -3.33 21.12
CA ARG A 91 -11.06 -4.59 21.33
C ARG A 91 -12.33 -4.35 22.13
N ILE A 92 -13.47 -4.77 21.60
CA ILE A 92 -14.75 -4.78 22.32
C ILE A 92 -15.31 -6.15 22.30
N ASP A 93 -15.96 -6.57 23.39
CA ASP A 93 -16.49 -7.92 23.44
C ASP A 93 -17.90 -7.94 23.99
N GLY A 94 -18.85 -8.40 23.17
CA GLY A 94 -20.24 -8.48 23.60
C GLY A 94 -20.56 -9.52 24.69
N THR A 95 -19.72 -10.53 24.92
CA THR A 95 -20.06 -11.50 25.96
C THR A 95 -19.88 -10.81 27.32
N ASP A 96 -19.05 -9.77 27.31
CA ASP A 96 -18.80 -8.88 28.43
C ASP A 96 -19.96 -7.90 28.74
N LYS A 97 -20.95 -7.81 27.85
CA LYS A 97 -22.04 -6.85 27.94
C LYS A 97 -23.48 -7.43 28.13
N ALA A 98 -23.67 -8.71 27.95
CA ALA A 98 -25.01 -9.29 27.75
C ALA A 98 -26.00 -9.18 28.94
N THR A 99 -25.47 -9.21 30.15
CA THR A 99 -26.39 -9.23 31.30
C THR A 99 -26.85 -7.81 31.65
N GLN A 100 -26.62 -6.87 30.75
CA GLN A 100 -26.54 -5.51 31.23
C GLN A 100 -27.56 -4.60 30.60
N ASP A 101 -27.80 -3.54 31.33
CA ASP A 101 -28.66 -2.48 30.89
C ASP A 101 -28.20 -1.91 29.58
N SER A 102 -29.13 -1.88 28.64
CA SER A 102 -28.82 -1.56 27.30
C SER A 102 -28.25 -0.16 27.13
N ASP A 103 -28.88 0.82 27.80
CA ASP A 103 -28.40 2.17 27.67
C ASP A 103 -27.00 2.35 28.28
N THR A 104 -26.76 1.64 29.37
CA THR A 104 -25.43 1.66 29.99
C THR A 104 -24.37 1.09 29.05
N VAL A 105 -24.71 -0.04 28.45
CA VAL A 105 -23.75 -0.69 27.49
C VAL A 105 -23.47 0.24 26.32
N LYS A 106 -24.52 0.97 25.85
CA LYS A 106 -24.35 1.82 24.68
C LYS A 106 -23.30 2.90 25.00
N LEU A 107 -23.40 3.49 26.21
CA LEU A 107 -22.48 4.56 26.60
C LEU A 107 -21.03 3.98 26.64
N GLU A 108 -20.88 2.77 27.18
CA GLU A 108 -19.58 2.11 27.29
C GLU A 108 -18.93 1.85 25.94
N VAL A 109 -19.71 1.29 25.05
CA VAL A 109 -19.19 1.00 23.68
C VAL A 109 -18.83 2.32 22.95
N ASP A 110 -19.69 3.35 23.09
CA ASP A 110 -19.44 4.59 22.43
C ASP A 110 -18.17 5.19 22.98
N GLN A 111 -17.98 5.13 24.31
CA GLN A 111 -16.78 5.75 24.87
C GLN A 111 -15.53 4.99 24.39
N GLU A 112 -15.62 3.67 24.37
CA GLU A 112 -14.45 2.86 24.03
C GLU A 112 -14.06 3.11 22.56
N LEU A 113 -15.03 3.07 21.66
CA LEU A 113 -14.70 3.28 20.26
C LEU A 113 -14.24 4.70 20.02
N SER A 114 -14.93 5.71 20.60
CA SER A 114 -14.61 7.09 20.27
C SER A 114 -13.26 7.44 20.85
N ASN A 115 -13.02 7.02 22.10
CA ASN A 115 -11.73 7.31 22.68
C ASN A 115 -10.58 6.70 21.85
N GLY A 116 -10.74 5.47 21.36
CA GLY A 116 -9.69 4.89 20.55
C GLY A 116 -9.50 5.60 19.22
N PHE A 117 -10.61 5.81 18.52
CA PHE A 117 -10.56 6.39 17.18
C PHE A 117 -10.09 7.87 17.25
N LYS A 118 -10.39 8.57 18.33
CA LYS A 118 -9.91 9.95 18.44
C LYS A 118 -8.42 10.02 18.72
N ASN A 119 -7.86 8.93 19.23
CA ASN A 119 -6.48 8.95 19.69
C ASN A 119 -5.57 7.99 18.94
N GLY A 120 -5.70 7.93 17.62
CA GLY A 120 -4.65 7.26 16.84
C GLY A 120 -4.94 5.86 16.34
N GLN A 121 -5.91 5.19 16.93
CA GLN A 121 -6.33 3.88 16.43
C GLN A 121 -7.27 3.97 15.24
N ASN A 122 -7.13 3.06 14.30
CA ASN A 122 -8.00 3.10 13.11
C ASN A 122 -8.69 1.80 12.77
N ALA A 123 -8.74 0.86 13.73
CA ALA A 123 -9.59 -0.28 13.58
C ALA A 123 -10.12 -0.76 14.89
N ALA A 124 -11.24 -1.48 14.85
CA ALA A 124 -11.77 -2.11 16.05
C ALA A 124 -12.25 -3.47 15.72
N VAL A 125 -12.07 -4.40 16.64
CA VAL A 125 -12.72 -5.68 16.50
C VAL A 125 -13.83 -5.71 17.52
N VAL A 126 -15.02 -6.11 17.08
CA VAL A 126 -16.19 -6.18 17.93
C VAL A 126 -16.59 -7.62 18.05
N HIS A 127 -16.07 -8.28 19.09
CA HIS A 127 -16.27 -9.69 19.23
C HIS A 127 -17.67 -9.98 19.73
N ARG A 128 -18.33 -11.02 19.23
CA ARG A 128 -19.56 -11.53 19.84
C ARG A 128 -20.64 -10.44 19.80
N PHE A 129 -20.78 -9.86 18.62
CA PHE A 129 -21.78 -8.82 18.36
C PHE A 129 -23.19 -9.27 18.75
N GLU A 130 -23.49 -10.52 18.54
CA GLU A 130 -24.79 -11.11 18.84
C GLU A 130 -25.13 -11.10 20.33
N SER A 131 -24.11 -10.91 21.18
CA SER A 131 -24.36 -10.99 22.62
C SER A 131 -24.63 -9.60 23.24
N PHE A 132 -24.45 -8.55 22.45
CA PHE A 132 -24.84 -7.18 22.99
C PHE A 132 -26.31 -7.12 23.23
N PRO A 133 -26.74 -6.41 24.31
CA PRO A 133 -28.17 -6.19 24.45
C PRO A 133 -28.65 -5.43 23.22
N ALA A 134 -29.77 -5.84 22.66
CA ALA A 134 -30.24 -5.29 21.40
C ALA A 134 -30.22 -3.79 21.30
N GLY A 135 -30.71 -3.08 22.35
CA GLY A 135 -30.82 -1.65 22.16
C GLY A 135 -29.47 -0.99 22.07
N SER A 136 -28.47 -1.61 22.70
CA SER A 136 -27.15 -1.00 22.75
C SER A 136 -26.55 -1.04 21.33
N THR A 137 -27.02 -1.98 20.54
CA THR A 137 -26.40 -2.11 19.19
C THR A 137 -26.77 -0.93 18.26
N LEU A 138 -27.70 -0.08 18.69
CA LEU A 138 -28.02 1.10 17.93
C LEU A 138 -26.81 2.01 17.84
N ILE A 139 -25.83 1.85 18.72
CA ILE A 139 -24.62 2.65 18.65
C ILE A 139 -23.90 2.39 17.29
N PHE A 140 -24.21 1.26 16.65
CA PHE A 140 -23.50 0.99 15.36
C PHE A 140 -24.10 1.79 14.19
N TYR A 141 -25.19 2.51 14.40
CA TYR A 141 -25.55 3.49 13.39
C TYR A 141 -24.53 4.63 13.37
N LYS A 142 -24.12 5.11 14.56
CA LYS A 142 -23.08 6.11 14.59
C LYS A 142 -21.78 5.70 13.90
N TYR A 143 -21.39 4.44 14.12
CA TYR A 143 -20.12 4.02 13.59
C TYR A 143 -20.14 3.37 12.21
N CYS A 144 -21.31 2.88 11.78
CA CYS A 144 -21.38 2.01 10.55
C CYS A 144 -22.32 2.62 9.50
N ASP A 145 -22.89 3.79 9.77
CA ASP A 145 -23.82 4.32 8.78
C ASP A 145 -23.21 4.41 7.38
N HIS A 146 -24.06 4.34 6.38
CA HIS A 146 -23.56 4.31 4.98
C HIS A 146 -22.77 5.58 4.64
N GLU A 147 -23.20 6.76 5.17
CA GLU A 147 -22.57 8.00 4.74
C GLU A 147 -22.35 8.97 5.87
N ASN A 148 -23.00 8.73 7.02
CA ASN A 148 -22.93 9.70 8.13
C ASN A 148 -22.17 9.19 9.36
N ALA A 149 -21.34 8.17 9.12
CA ALA A 149 -20.60 7.62 10.28
C ALA A 149 -19.64 8.62 10.87
N ALA A 150 -19.35 8.45 12.18
CA ALA A 150 -18.49 9.42 12.86
C ALA A 150 -17.03 9.33 12.50
N PHE A 151 -16.55 8.12 12.12
CA PHE A 151 -15.18 7.93 11.71
C PHE A 151 -15.12 7.14 10.42
N LYS A 152 -14.87 7.85 9.32
CA LYS A 152 -14.89 7.09 8.03
C LYS A 152 -13.58 6.44 7.67
N ASP A 153 -12.49 6.87 8.33
CA ASP A 153 -11.17 6.35 7.94
C ASP A 153 -10.73 5.16 8.79
N VAL A 154 -11.68 4.32 9.14
CA VAL A 154 -11.38 3.20 10.02
C VAL A 154 -12.02 1.93 9.55
N ALA A 155 -11.57 0.79 10.10
CA ALA A 155 -12.23 -0.48 9.86
C ALA A 155 -12.86 -1.02 11.11
N LEU A 156 -14.00 -1.66 10.97
CA LEU A 156 -14.60 -2.38 12.10
C LEU A 156 -14.80 -3.79 11.67
N VAL A 157 -14.19 -4.73 12.40
CA VAL A 157 -14.43 -6.16 12.13
C VAL A 157 -15.39 -6.66 13.21
N LEU A 158 -16.57 -7.06 12.84
CA LEU A 158 -17.60 -7.55 13.77
C LEU A 158 -17.65 -9.06 13.68
N THR A 159 -17.86 -9.74 14.80
CA THR A 159 -18.06 -11.18 14.72
C THR A 159 -19.36 -11.63 15.29
N VAL A 160 -19.89 -12.68 14.70
CA VAL A 160 -21.12 -13.34 15.14
C VAL A 160 -20.90 -14.81 15.35
N LEU A 161 -21.02 -15.29 16.58
CA LEU A 161 -20.84 -16.70 16.87
C LEU A 161 -22.22 -17.33 16.89
N LEU A 162 -22.46 -18.22 15.92
CA LEU A 162 -23.73 -18.94 15.79
C LEU A 162 -23.86 -19.97 16.87
N GLU A 163 -25.08 -20.45 17.07
CA GLU A 163 -25.33 -21.49 18.04
C GLU A 163 -25.24 -22.88 17.39
N GLU A 164 -25.26 -22.96 16.05
CA GLU A 164 -25.05 -24.22 15.34
C GLU A 164 -23.69 -24.80 15.69
N GLU A 165 -23.60 -26.13 15.70
CA GLU A 165 -22.35 -26.80 16.03
C GLU A 165 -21.30 -26.68 14.93
N THR A 166 -21.71 -26.70 13.67
CA THR A 166 -20.75 -26.61 12.55
C THR A 166 -21.40 -25.99 11.30
N LEU A 167 -20.61 -25.32 10.48
CA LEU A 167 -21.13 -24.84 9.19
C LEU A 167 -20.82 -25.83 8.06
N GLY A 168 -19.78 -26.64 8.22
CA GLY A 168 -19.28 -27.50 7.12
C GLY A 168 -18.68 -26.59 6.06
N THR A 169 -18.25 -27.14 4.93
CA THR A 169 -17.59 -26.31 3.94
C THR A 169 -18.42 -26.16 2.64
N SER A 170 -19.64 -26.69 2.63
CA SER A 170 -20.47 -26.69 1.44
C SER A 170 -21.30 -25.41 1.17
N LEU A 171 -21.49 -24.57 2.17
CA LEU A 171 -22.40 -23.41 2.04
C LEU A 171 -21.86 -22.36 1.10
N GLY A 172 -22.75 -21.70 0.36
CA GLY A 172 -22.31 -20.56 -0.41
C GLY A 172 -22.45 -19.31 0.43
N LEU A 173 -21.86 -18.21 -0.01
CA LEU A 173 -21.94 -16.99 0.82
C LEU A 173 -23.37 -16.48 1.06
N LYS A 174 -24.26 -16.59 0.08
CA LYS A 174 -25.63 -16.09 0.26
C LYS A 174 -26.30 -16.85 1.41
N GLU A 175 -26.06 -18.15 1.49
CA GLU A 175 -26.67 -18.95 2.54
C GLU A 175 -26.04 -18.63 3.90
N VAL A 176 -24.74 -18.36 3.93
CA VAL A 176 -24.09 -17.98 5.16
C VAL A 176 -24.65 -16.65 5.66
N GLU A 177 -24.82 -15.70 4.76
CA GLU A 177 -25.36 -14.39 5.12
C GLU A 177 -26.78 -14.48 5.63
N GLU A 178 -27.60 -15.31 5.01
CA GLU A 178 -28.96 -15.48 5.51
C GLU A 178 -28.98 -16.07 6.90
N LYS A 179 -28.09 -17.02 7.16
CA LYS A 179 -27.96 -17.62 8.49
C LYS A 179 -27.61 -16.57 9.53
N VAL A 180 -26.65 -15.71 9.22
CA VAL A 180 -26.24 -14.70 10.17
C VAL A 180 -27.40 -13.70 10.41
N ARG A 181 -27.99 -13.26 9.31
CA ARG A 181 -29.11 -12.28 9.41
C ARG A 181 -30.21 -12.85 10.29
N ASP A 182 -30.60 -14.09 10.02
CA ASP A 182 -31.71 -14.69 10.73
C ASP A 182 -31.39 -14.87 12.22
N PHE A 183 -30.16 -15.29 12.52
CA PHE A 183 -29.72 -15.54 13.89
C PHE A 183 -29.69 -14.25 14.70
N LEU A 184 -29.20 -13.17 14.11
CA LEU A 184 -29.17 -11.89 14.80
C LEU A 184 -30.56 -11.41 15.10
N LYS A 185 -31.49 -11.69 14.18
CA LYS A 185 -32.85 -11.23 14.38
C LYS A 185 -33.42 -11.92 15.60
N VAL A 186 -33.05 -13.18 15.78
CA VAL A 186 -33.55 -13.94 16.93
C VAL A 186 -32.89 -13.45 18.20
N LYS A 187 -31.57 -13.23 18.15
CA LYS A 187 -30.85 -12.84 19.36
C LYS A 187 -31.31 -11.44 19.80
N PHE A 188 -31.46 -10.54 18.84
CA PHE A 188 -31.78 -9.14 19.18
C PHE A 188 -33.26 -8.95 19.53
N THR A 189 -34.13 -9.79 19.00
CA THR A 189 -35.51 -9.77 19.51
C THR A 189 -35.56 -10.26 20.96
N ASN A 190 -34.85 -11.34 21.23
CA ASN A 190 -34.80 -11.93 22.56
C ASN A 190 -34.29 -10.98 23.60
N SER A 191 -33.25 -10.20 23.28
CA SER A 191 -32.62 -9.36 24.29
C SER A 191 -33.12 -7.92 24.25
N ASN A 192 -34.11 -7.63 23.42
CA ASN A 192 -34.65 -6.26 23.34
C ASN A 192 -35.37 -5.88 24.62
N THR A 193 -35.14 -4.65 25.07
CA THR A 193 -35.80 -4.14 26.27
C THR A 193 -36.47 -2.82 25.88
N PRO A 194 -37.72 -2.89 25.46
CA PRO A 194 -38.47 -1.71 24.96
C PRO A 194 -38.49 -0.53 25.91
N ASN A 195 -38.31 -0.76 27.20
CA ASN A 195 -38.23 0.33 28.18
C ASN A 195 -36.90 1.06 28.26
N SER A 196 -35.92 0.60 27.49
CA SER A 196 -34.66 1.30 27.39
C SER A 196 -34.90 2.55 26.58
N TYR A 197 -34.12 3.61 26.86
CA TYR A 197 -34.14 4.80 26.02
C TYR A 197 -33.84 4.41 24.56
N ASN A 198 -32.77 3.63 24.36
CA ASN A 198 -32.43 3.07 23.07
C ASN A 198 -32.98 1.67 22.95
N HIS A 199 -33.99 1.45 22.10
CA HIS A 199 -34.56 0.12 21.96
C HIS A 199 -34.75 -0.24 20.48
N MET A 200 -34.73 -1.54 20.21
CA MET A 200 -34.80 -2.02 18.85
C MET A 200 -36.25 -1.97 18.38
N ASP A 201 -36.41 -1.81 17.08
CA ASP A 201 -37.67 -2.11 16.43
C ASP A 201 -37.36 -2.70 15.03
N PRO A 202 -38.38 -3.23 14.31
CA PRO A 202 -38.02 -3.91 13.05
C PRO A 202 -37.25 -3.05 12.04
N ASP A 203 -37.62 -1.78 11.91
CA ASP A 203 -36.93 -0.92 10.92
C ASP A 203 -35.51 -0.68 11.37
N LYS A 204 -35.33 -0.43 12.67
CA LYS A 204 -33.97 -0.28 13.18
C LYS A 204 -33.10 -1.54 13.04
N LEU A 205 -33.70 -2.70 13.27
CA LEU A 205 -32.98 -3.97 13.11
C LEU A 205 -32.59 -4.18 11.62
N ASN A 206 -33.50 -3.91 10.70
CA ASN A 206 -33.16 -4.13 9.28
C ASN A 206 -32.11 -3.12 8.81
N GLY A 207 -32.24 -1.88 9.30
CA GLY A 207 -31.26 -0.85 9.04
C GLY A 207 -29.84 -1.15 9.52
N LEU A 208 -29.74 -1.73 10.71
CA LEU A 208 -28.48 -2.21 11.24
C LEU A 208 -27.93 -3.29 10.33
N TRP A 209 -28.76 -4.26 10.02
CA TRP A 209 -28.30 -5.34 9.15
C TRP A 209 -27.75 -4.82 7.82
N SER A 210 -28.43 -3.83 7.22
CA SER A 210 -28.03 -3.29 5.96
C SER A 210 -26.66 -2.63 6.08
N ARG A 211 -26.39 -2.02 7.24
CA ARG A 211 -25.14 -1.25 7.45
C ARG A 211 -23.93 -2.17 7.84
N ILE A 212 -24.20 -3.38 8.27
CA ILE A 212 -23.05 -4.25 8.69
C ILE A 212 -22.83 -5.45 7.83
N SER A 213 -23.61 -5.58 6.75
CA SER A 213 -23.60 -6.84 5.93
C SER A 213 -23.00 -6.63 4.54
N HIS A 214 -22.17 -5.61 4.39
CA HIS A 214 -21.46 -5.38 3.13
C HIS A 214 -20.65 -6.62 2.73
N LEU A 215 -19.95 -7.21 3.69
CA LEU A 215 -19.17 -8.41 3.38
C LEU A 215 -19.21 -9.35 4.56
N VAL A 216 -19.91 -10.46 4.38
CA VAL A 216 -20.09 -11.43 5.45
C VAL A 216 -19.33 -12.73 5.05
N LEU A 217 -18.39 -13.17 5.87
CA LEU A 217 -17.54 -14.35 5.54
C LEU A 217 -17.48 -15.31 6.70
N PRO A 218 -17.47 -16.61 6.39
CA PRO A 218 -17.40 -17.60 7.45
C PRO A 218 -15.95 -18.00 7.74
N VAL A 219 -15.74 -18.39 8.99
CA VAL A 219 -14.44 -18.81 9.49
C VAL A 219 -14.57 -20.26 9.84
N GLN A 220 -13.54 -21.04 9.47
CA GLN A 220 -13.48 -22.47 9.73
C GLN A 220 -12.61 -22.81 10.94
N PRO A 221 -12.85 -23.98 11.56
CA PRO A 221 -12.08 -24.43 12.74
C PRO A 221 -10.58 -24.54 12.46
N GLU A 222 -9.77 -24.30 13.49
CA GLU A 222 -8.34 -24.51 13.41
C GLU A 222 -7.89 -25.32 14.63
N ASN A 223 -7.55 -26.59 14.43
CA ASN A 223 -7.15 -27.44 15.56
C ASN A 223 -5.92 -26.93 16.32
N ALA A 224 -5.08 -26.12 15.70
CA ALA A 224 -3.89 -25.59 16.39
C ALA A 224 -4.25 -24.42 17.33
N LEU A 225 -5.51 -24.07 17.33
CA LEU A 225 -6.04 -23.01 18.21
C LEU A 225 -6.78 -23.49 19.43
N LYS A 226 -7.12 -24.76 19.48
CA LYS A 226 -7.94 -25.29 20.58
C LYS A 226 -7.26 -24.89 21.89
N ARG A 227 -5.93 -24.78 21.83
CA ARG A 227 -5.13 -24.09 22.85
C ARG A 227 -5.74 -22.85 23.39
N GLY A 228 -6.46 -22.08 22.55
CA GLY A 228 -7.03 -20.79 22.94
C GLY A 228 -6.03 -19.62 22.93
N ILE A 229 -4.86 -19.88 22.37
CA ILE A 229 -3.81 -18.88 22.25
C ILE A 229 -3.61 -18.59 20.76
N CYS A 230 -3.62 -17.33 20.38
CA CYS A 230 -3.57 -17.05 18.94
C CYS A 230 -2.17 -17.35 18.36
N LEU A 231 -2.13 -17.73 17.09
CA LEU A 231 -0.88 -18.08 16.47
C LEU A 231 -0.06 -16.89 16.03
N THR B 10 55.22 1.39 -5.00
CA THR B 10 54.68 1.49 -6.36
C THR B 10 53.40 2.36 -6.39
N THR B 11 52.35 1.88 -7.06
CA THR B 11 51.07 2.60 -7.14
C THR B 11 50.02 1.78 -6.41
N ALA B 12 48.86 2.38 -6.16
CA ALA B 12 47.76 1.70 -5.46
C ALA B 12 47.29 0.47 -6.23
N VAL B 13 47.13 0.63 -7.55
CA VAL B 13 46.69 -0.47 -8.41
C VAL B 13 47.74 -1.59 -8.47
N GLN B 14 49.00 -1.23 -8.58
CA GLN B 14 49.97 -2.31 -8.72
C GLN B 14 50.15 -3.08 -7.42
N GLU B 15 49.99 -2.40 -6.28
CA GLU B 15 50.13 -3.08 -5.01
C GLU B 15 48.91 -3.96 -4.82
N PHE B 16 47.74 -3.51 -5.28
CA PHE B 16 46.53 -4.33 -5.19
C PHE B 16 46.68 -5.61 -6.03
N GLN B 17 47.10 -5.45 -7.27
CA GLN B 17 47.33 -6.58 -8.14
C GLN B 17 48.37 -7.55 -7.56
N ASN B 18 49.43 -7.00 -6.96
CA ASN B 18 50.42 -7.84 -6.31
C ASN B 18 49.80 -8.68 -5.20
N GLN B 19 49.01 -8.04 -4.33
CA GLN B 19 48.38 -8.76 -3.21
C GLN B 19 47.36 -9.79 -3.68
N MET B 20 46.60 -9.45 -4.72
CA MET B 20 45.59 -10.35 -5.25
C MET B 20 46.25 -11.58 -5.86
N ASN B 21 47.40 -11.40 -6.48
CA ASN B 21 48.21 -12.49 -7.02
C ASN B 21 48.62 -13.49 -5.92
N GLN B 22 49.15 -12.94 -4.85
CA GLN B 22 49.48 -13.74 -3.69
C GLN B 22 48.29 -14.54 -3.18
N LEU B 23 47.11 -13.91 -3.08
CA LEU B 23 45.94 -14.64 -2.63
C LEU B 23 45.52 -15.77 -3.59
N LYS B 24 45.52 -15.54 -4.91
CA LYS B 24 45.07 -16.58 -5.83
C LYS B 24 46.00 -17.80 -5.76
N ASN B 25 47.27 -17.55 -5.50
CA ASN B 25 48.24 -18.63 -5.35
C ASN B 25 48.01 -19.44 -4.08
N LYS B 26 47.54 -18.77 -3.04
CA LYS B 26 47.24 -19.47 -1.79
C LYS B 26 45.90 -20.21 -1.84
N TYR B 27 44.89 -19.61 -2.47
CA TYR B 27 43.52 -20.18 -2.41
C TYR B 27 43.12 -20.73 -3.76
N GLN B 28 43.38 -22.01 -4.00
CA GLN B 28 43.33 -22.55 -5.34
C GLN B 28 42.03 -23.29 -5.60
N GLY B 29 41.14 -23.29 -4.64
CA GLY B 29 39.89 -24.02 -4.81
C GLY B 29 38.76 -23.13 -5.36
N GLN B 30 39.08 -21.92 -5.79
CA GLN B 30 38.03 -20.98 -6.23
C GLN B 30 37.71 -21.11 -7.71
N ASP B 31 36.57 -20.57 -8.11
CA ASP B 31 36.32 -20.35 -9.52
C ASP B 31 37.41 -19.43 -10.07
N GLU B 32 37.72 -19.57 -11.34
CA GLU B 32 38.70 -18.72 -12.00
C GLU B 32 38.21 -17.28 -12.09
N LYS B 33 36.91 -17.13 -12.28
CA LYS B 33 36.39 -15.83 -12.49
C LYS B 33 36.24 -15.09 -11.17
N LEU B 34 36.50 -15.75 -10.04
CA LEU B 34 36.41 -15.05 -8.77
C LEU B 34 37.49 -13.97 -8.75
N TRP B 35 38.73 -14.39 -9.00
CA TRP B 35 39.85 -13.46 -9.15
C TRP B 35 39.75 -12.48 -10.30
N LYS B 36 39.52 -12.96 -11.52
CA LYS B 36 39.62 -11.99 -12.59
C LYS B 36 38.46 -10.95 -12.47
N ARG B 37 37.28 -11.38 -12.07
CA ARG B 37 36.17 -10.41 -12.00
C ARG B 37 36.32 -9.44 -10.80
N SER B 38 36.74 -9.96 -9.65
CA SER B 38 36.86 -9.11 -8.47
C SER B 38 38.00 -8.11 -8.71
N GLN B 39 39.04 -8.60 -9.36
CA GLN B 39 40.20 -7.77 -9.58
C GLN B 39 39.92 -6.71 -10.62
N THR B 40 39.28 -7.05 -11.74
CA THR B 40 38.92 -6.05 -12.72
C THR B 40 38.01 -4.97 -12.09
N PHE B 41 37.02 -5.44 -11.37
CA PHE B 41 36.01 -4.54 -10.75
C PHE B 41 36.69 -3.52 -9.81
N LEU B 42 37.50 -4.03 -8.89
CA LEU B 42 38.13 -3.18 -7.89
C LEU B 42 39.27 -2.33 -8.46
N GLU B 43 39.98 -2.88 -9.43
CA GLU B 43 41.01 -2.12 -10.14
C GLU B 43 40.46 -0.90 -10.81
N LYS B 44 39.35 -1.10 -11.52
CA LYS B 44 38.73 0.03 -12.22
C LYS B 44 38.44 1.15 -11.23
N HIS B 45 37.98 0.77 -10.05
CA HIS B 45 37.69 1.80 -9.07
C HIS B 45 39.00 2.47 -8.60
N LEU B 46 40.05 1.69 -8.38
CA LEU B 46 41.35 2.22 -7.93
C LEU B 46 42.04 3.21 -8.88
N ASN B 47 41.80 3.07 -10.19
CA ASN B 47 42.45 3.96 -11.17
C ASN B 47 41.49 4.91 -11.89
N SER B 48 40.19 4.82 -11.59
CA SER B 48 39.20 5.68 -12.23
C SER B 48 39.37 7.13 -11.84
N SER B 49 38.81 8.01 -12.66
CA SER B 49 38.97 9.44 -12.41
C SER B 49 38.19 9.99 -11.22
N HIS B 50 38.76 11.12 -10.81
CA HIS B 50 38.50 11.95 -9.67
C HIS B 50 37.63 13.17 -10.06
N PRO B 51 36.39 13.24 -9.54
CA PRO B 51 35.68 12.31 -8.65
C PRO B 51 35.08 11.06 -9.32
N ARG B 52 35.30 9.90 -8.70
CA ARG B 52 34.58 8.69 -9.08
C ARG B 52 33.17 8.85 -8.52
N SER B 53 32.20 8.10 -9.03
CA SER B 53 30.80 8.45 -8.73
C SER B 53 30.17 7.59 -7.63
N GLN B 54 30.69 6.38 -7.40
CA GLN B 54 30.21 5.50 -6.33
C GLN B 54 31.36 4.72 -5.76
N PRO B 55 31.20 4.25 -4.52
CA PRO B 55 32.19 3.30 -4.03
C PRO B 55 32.12 1.97 -4.73
N ALA B 56 33.21 1.25 -4.66
CA ALA B 56 33.26 -0.11 -5.25
C ALA B 56 32.59 -1.04 -4.25
N ILE B 57 31.47 -1.61 -4.60
CA ILE B 57 30.75 -2.48 -3.66
C ILE B 57 30.76 -3.92 -4.18
N LEU B 58 31.40 -4.84 -3.44
CA LEU B 58 31.61 -6.21 -3.91
C LEU B 58 30.86 -7.14 -2.97
N LEU B 59 29.98 -7.98 -3.52
CA LEU B 59 29.24 -8.87 -2.63
C LEU B 59 29.72 -10.31 -2.84
N LEU B 60 30.28 -10.90 -1.80
CA LEU B 60 30.70 -12.32 -1.88
C LEU B 60 29.73 -13.23 -1.13
N THR B 61 29.44 -14.40 -1.67
CA THR B 61 28.49 -15.27 -0.96
C THR B 61 29.05 -16.70 -0.88
N ALA B 62 28.62 -17.45 0.14
CA ALA B 62 29.00 -18.87 0.21
C ALA B 62 27.91 -19.68 0.89
N ALA B 63 27.92 -21.00 0.65
CA ALA B 63 27.10 -21.94 1.40
C ALA B 63 27.86 -22.29 2.65
N ARG B 64 27.22 -23.07 3.53
CA ARG B 64 27.82 -23.39 4.81
C ARG B 64 29.17 -24.12 4.74
N ASP B 65 29.40 -25.01 3.76
CA ASP B 65 30.67 -25.72 3.71
C ASP B 65 31.84 -24.81 3.30
N ALA B 66 31.56 -23.56 2.97
CA ALA B 66 32.61 -22.61 2.59
C ALA B 66 32.60 -21.38 3.54
N GLU B 67 32.05 -21.55 4.73
CA GLU B 67 31.96 -20.45 5.69
C GLU B 67 33.34 -19.82 5.95
N GLU B 68 34.34 -20.67 6.16
CA GLU B 68 35.65 -20.15 6.53
C GLU B 68 36.37 -19.45 5.38
N ALA B 69 36.23 -19.99 4.19
CA ALA B 69 36.78 -19.33 3.01
C ALA B 69 36.15 -17.93 2.79
N LEU B 70 34.84 -17.86 2.94
CA LEU B 70 34.12 -16.58 2.78
C LEU B 70 34.68 -15.53 3.77
N ARG B 71 34.86 -15.93 5.03
CA ARG B 71 35.39 -15.00 6.04
C ARG B 71 36.83 -14.54 5.70
N CYS B 72 37.71 -15.48 5.31
CA CYS B 72 39.11 -15.13 5.05
C CYS B 72 39.25 -14.33 3.78
N LEU B 73 38.62 -14.79 2.71
CA LEU B 73 38.86 -14.16 1.42
C LEU B 73 38.29 -12.78 1.34
N SER B 74 37.10 -12.58 1.92
CA SER B 74 36.51 -11.26 1.88
C SER B 74 37.41 -10.24 2.59
N GLU B 75 37.87 -10.58 3.79
CA GLU B 75 38.75 -9.66 4.52
C GLU B 75 40.07 -9.46 3.79
N GLN B 76 40.61 -10.54 3.22
CA GLN B 76 41.91 -10.43 2.59
C GLN B 76 41.86 -9.64 1.29
N ILE B 77 40.78 -9.78 0.55
CA ILE B 77 40.58 -8.93 -0.64
C ILE B 77 40.39 -7.45 -0.23
N ALA B 78 39.65 -7.22 0.86
CA ALA B 78 39.46 -5.82 1.29
C ALA B 78 40.83 -5.25 1.79
N ASP B 79 41.61 -6.09 2.45
CA ASP B 79 42.93 -5.64 2.90
C ASP B 79 43.83 -5.39 1.68
N ALA B 80 43.63 -6.16 0.63
CA ALA B 80 44.47 -5.99 -0.59
C ALA B 80 44.22 -4.61 -1.22
N TYR B 81 42.98 -4.17 -1.18
CA TYR B 81 42.58 -2.90 -1.77
C TYR B 81 43.35 -1.79 -1.11
N SER B 82 43.47 -1.90 0.21
CA SER B 82 44.10 -0.90 1.07
C SER B 82 45.61 -1.01 1.23
N SER B 83 46.19 -2.07 0.67
CA SER B 83 47.55 -2.44 1.01
C SER B 83 48.53 -1.30 0.76
N PHE B 84 48.35 -0.63 -0.36
CA PHE B 84 49.13 0.54 -0.73
C PHE B 84 49.17 1.62 0.34
N ARG B 85 48.10 1.72 1.13
CA ARG B 85 48.05 2.72 2.18
C ARG B 85 48.59 2.14 3.48
N SER B 86 49.07 0.90 3.42
CA SER B 86 49.61 0.22 4.59
C SER B 86 48.64 0.21 5.77
N VAL B 87 47.34 0.11 5.51
CA VAL B 87 46.40 -0.03 6.61
C VAL B 87 45.42 -1.12 6.27
N ARG B 88 44.78 -1.66 7.29
CA ARG B 88 43.77 -2.70 7.08
C ARG B 88 42.39 -2.13 6.80
N ALA B 89 41.54 -2.98 6.22
CA ALA B 89 40.16 -2.66 6.03
C ALA B 89 39.49 -2.60 7.41
N ILE B 90 38.47 -1.74 7.50
CA ILE B 90 37.56 -1.68 8.64
C ILE B 90 36.83 -3.00 8.74
N ARG B 91 36.75 -3.59 9.94
CA ARG B 91 36.04 -4.87 10.06
C ARG B 91 34.73 -4.72 10.81
N ILE B 92 33.67 -5.15 10.17
CA ILE B 92 32.31 -5.17 10.72
C ILE B 92 31.79 -6.56 10.61
N ASP B 93 31.10 -7.00 11.65
CA ASP B 93 30.58 -8.36 11.62
C ASP B 93 29.13 -8.38 12.07
N GLY B 94 28.25 -8.78 11.16
CA GLY B 94 26.84 -8.98 11.40
C GLY B 94 26.46 -9.98 12.51
N THR B 95 27.28 -11.00 12.80
CA THR B 95 26.92 -12.00 13.83
C THR B 95 26.96 -11.33 15.19
N ASP B 96 27.76 -10.27 15.28
CA ASP B 96 27.89 -9.51 16.52
C ASP B 96 26.66 -8.62 16.74
N LYS B 97 25.92 -8.37 15.66
CA LYS B 97 24.84 -7.38 15.67
C LYS B 97 23.40 -7.96 15.78
N ALA B 98 23.30 -9.25 15.56
CA ALA B 98 22.04 -9.96 15.38
C ALA B 98 21.03 -9.79 16.51
N THR B 99 21.56 -9.79 17.73
CA THR B 99 20.68 -9.84 18.89
C THR B 99 20.40 -8.44 19.40
N GLN B 100 20.87 -7.43 18.69
CA GLN B 100 20.86 -6.10 19.27
C GLN B 100 19.72 -5.24 18.73
N ASP B 101 19.39 -4.23 19.51
CA ASP B 101 18.44 -3.24 19.05
C ASP B 101 18.85 -2.65 17.68
N SER B 102 17.91 -2.73 16.75
CA SER B 102 18.21 -2.35 15.37
C SER B 102 18.64 -0.90 15.25
N ASP B 103 17.95 0.06 15.95
CA ASP B 103 18.40 1.43 15.79
C ASP B 103 19.80 1.67 16.39
N THR B 104 20.13 0.94 17.45
CA THR B 104 21.42 1.07 18.09
C THR B 104 22.53 0.53 17.16
N VAL B 105 22.25 -0.60 16.51
CA VAL B 105 23.18 -1.19 15.51
C VAL B 105 23.41 -0.25 14.36
N LYS B 106 22.36 0.51 13.94
CA LYS B 106 22.53 1.35 12.81
C LYS B 106 23.53 2.45 13.19
N LEU B 107 23.37 3.04 14.37
CA LEU B 107 24.30 4.06 14.86
C LEU B 107 25.72 3.53 14.97
N GLU B 108 25.86 2.32 15.52
CA GLU B 108 27.18 1.78 15.74
C GLU B 108 27.91 1.54 14.39
N VAL B 109 27.19 0.96 13.44
CA VAL B 109 27.81 0.73 12.11
C VAL B 109 28.20 2.04 11.42
N ASP B 110 27.31 3.05 11.50
CA ASP B 110 27.63 4.33 10.91
C ASP B 110 28.88 4.93 11.55
N GLN B 111 28.95 4.87 12.87
CA GLN B 111 30.11 5.43 13.56
C GLN B 111 31.39 4.68 13.13
N GLU B 112 31.33 3.35 13.08
CA GLU B 112 32.54 2.56 12.80
C GLU B 112 33.04 2.83 11.38
N LEU B 113 32.11 2.88 10.43
CA LEU B 113 32.50 3.15 9.04
C LEU B 113 32.99 4.56 8.91
N SER B 114 32.22 5.52 9.43
CA SER B 114 32.59 6.90 9.21
C SER B 114 33.90 7.21 9.93
N ASN B 115 34.10 6.71 11.15
CA ASN B 115 35.34 7.03 11.82
C ASN B 115 36.55 6.52 11.02
N GLY B 116 36.40 5.31 10.51
CA GLY B 116 37.52 4.68 9.80
C GLY B 116 37.85 5.43 8.52
N PHE B 117 36.81 5.72 7.73
CA PHE B 117 36.96 6.39 6.42
C PHE B 117 37.45 7.82 6.56
N LYS B 118 37.12 8.45 7.68
CA LYS B 118 37.58 9.81 7.94
C LYS B 118 39.04 9.86 8.37
N ASN B 119 39.55 8.73 8.85
CA ASN B 119 40.86 8.68 9.48
C ASN B 119 41.81 7.72 8.77
N GLY B 120 41.76 7.74 7.46
CA GLY B 120 42.77 7.07 6.67
C GLY B 120 42.49 5.69 6.10
N GLN B 121 41.37 5.07 6.47
CA GLN B 121 41.11 3.74 5.89
C GLN B 121 40.29 3.93 4.63
N ASN B 122 40.49 3.09 3.61
CA ASN B 122 39.65 3.26 2.41
C ASN B 122 38.94 1.97 1.98
N ALA B 123 38.84 1.00 2.90
CA ALA B 123 38.05 -0.19 2.62
C ALA B 123 37.40 -0.73 3.87
N ALA B 124 36.32 -1.46 3.68
CA ALA B 124 35.68 -2.12 4.81
C ALA B 124 35.22 -3.46 4.35
N VAL B 125 35.33 -4.45 5.25
CA VAL B 125 34.66 -5.69 5.05
C VAL B 125 33.52 -5.81 6.00
N VAL B 126 32.40 -6.28 5.49
CA VAL B 126 31.20 -6.38 6.28
C VAL B 126 30.74 -7.79 6.25
N HIS B 127 31.22 -8.57 7.23
CA HIS B 127 30.96 -9.99 7.32
C HIS B 127 29.55 -10.23 7.72
N ARG B 128 28.92 -11.22 7.09
CA ARG B 128 27.64 -11.73 7.56
C ARG B 128 26.58 -10.63 7.56
N PHE B 129 26.52 -9.90 6.45
CA PHE B 129 25.49 -8.90 6.19
C PHE B 129 24.07 -9.42 6.45
N GLU B 130 23.80 -10.68 6.11
CA GLU B 130 22.51 -11.30 6.32
C GLU B 130 22.07 -11.41 7.78
N SER B 131 23.00 -11.23 8.73
CA SER B 131 22.69 -11.35 10.18
C SER B 131 22.40 -10.03 10.87
N PHE B 132 22.55 -8.90 10.16
CA PHE B 132 22.17 -7.60 10.75
C PHE B 132 20.68 -7.53 10.93
N PRO B 133 20.22 -6.92 12.05
CA PRO B 133 18.80 -6.56 12.10
C PRO B 133 18.39 -5.79 10.84
N ALA B 134 17.28 -6.18 10.22
CA ALA B 134 16.83 -5.62 8.94
C ALA B 134 16.86 -4.09 8.91
N GLY B 135 16.28 -3.44 9.92
CA GLY B 135 16.24 -1.99 9.89
C GLY B 135 17.61 -1.35 9.90
N SER B 136 18.55 -1.98 10.58
CA SER B 136 19.87 -1.36 10.67
C SER B 136 20.57 -1.32 9.30
N THR B 137 20.19 -2.23 8.38
CA THR B 137 20.92 -2.24 7.11
C THR B 137 20.59 -1.00 6.26
N LEU B 138 19.63 -0.18 6.70
CA LEU B 138 19.35 1.03 5.97
C LEU B 138 20.55 1.99 5.96
N ILE B 139 21.47 1.83 6.92
CA ILE B 139 22.68 2.65 6.92
C ILE B 139 23.45 2.44 5.58
N PHE B 140 23.28 1.28 4.94
CA PHE B 140 24.01 1.08 3.66
C PHE B 140 23.48 1.91 2.51
N TYR B 141 22.39 2.66 2.74
CA TYR B 141 22.02 3.66 1.73
C TYR B 141 23.04 4.79 1.78
N LYS B 142 23.53 5.11 2.98
CA LYS B 142 24.48 6.19 3.10
C LYS B 142 25.80 5.83 2.45
N TYR B 143 26.23 4.58 2.64
CA TYR B 143 27.56 4.17 2.19
C TYR B 143 27.57 3.60 0.77
N CYS B 144 26.43 3.11 0.31
CA CYS B 144 26.36 2.40 -1.00
C CYS B 144 25.46 3.04 -2.05
N ASP B 145 24.89 4.23 -1.81
CA ASP B 145 24.05 4.80 -2.83
C ASP B 145 24.73 4.93 -4.20
N HIS B 146 23.92 4.84 -5.27
CA HIS B 146 24.45 4.95 -6.63
C HIS B 146 25.27 6.20 -6.90
N GLU B 147 24.80 7.37 -6.38
CA GLU B 147 25.44 8.61 -6.77
C GLU B 147 25.68 9.54 -5.59
N ASN B 148 25.02 9.28 -4.46
CA ASN B 148 25.03 10.22 -3.32
C ASN B 148 25.73 9.63 -2.08
N ALA B 149 26.59 8.64 -2.28
CA ALA B 149 27.29 8.03 -1.16
C ALA B 149 28.23 8.97 -0.40
N ALA B 150 28.43 8.70 0.90
CA ALA B 150 29.20 9.60 1.72
C ALA B 150 30.69 9.57 1.44
N PHE B 151 31.19 8.40 1.06
CA PHE B 151 32.59 8.17 0.77
C PHE B 151 32.68 7.47 -0.59
N LYS B 152 33.02 8.22 -1.63
CA LYS B 152 33.02 7.58 -2.94
C LYS B 152 34.33 6.88 -3.29
N ASP B 153 35.41 7.21 -2.59
CA ASP B 153 36.74 6.71 -2.92
C ASP B 153 37.11 5.52 -2.07
N VAL B 154 36.15 4.66 -1.79
CA VAL B 154 36.40 3.48 -0.93
C VAL B 154 35.83 2.23 -1.57
N ALA B 155 36.25 1.08 -1.07
CA ALA B 155 35.61 -0.20 -1.36
C ALA B 155 34.89 -0.78 -0.14
N LEU B 156 33.79 -1.46 -0.39
CA LEU B 156 33.09 -2.18 0.64
C LEU B 156 32.87 -3.60 0.16
N VAL B 157 33.41 -4.55 0.91
CA VAL B 157 33.14 -5.95 0.58
C VAL B 157 32.16 -6.55 1.55
N LEU B 158 30.98 -6.92 1.07
CA LEU B 158 29.88 -7.43 1.91
C LEU B 158 29.90 -8.94 1.79
N THR B 159 29.62 -9.69 2.85
CA THR B 159 29.45 -11.12 2.64
C THR B 159 28.11 -11.57 3.09
N VAL B 160 27.59 -12.56 2.39
CA VAL B 160 26.32 -13.20 2.70
C VAL B 160 26.57 -14.72 2.81
N LEU B 161 26.37 -15.25 4.01
CA LEU B 161 26.48 -16.69 4.24
C LEU B 161 25.11 -17.33 4.12
N LEU B 162 24.94 -18.17 3.10
CA LEU B 162 23.64 -18.80 2.86
C LEU B 162 23.40 -19.87 3.91
N GLU B 163 22.16 -20.34 4.01
CA GLU B 163 21.91 -21.42 4.94
C GLU B 163 21.98 -22.77 4.22
N GLU B 164 22.12 -22.76 2.90
CA GLU B 164 22.30 -24.00 2.17
C GLU B 164 23.61 -24.67 2.55
N GLU B 165 23.66 -25.97 2.37
CA GLU B 165 24.82 -26.72 2.80
C GLU B 165 26.01 -26.55 1.86
N THR B 166 25.75 -26.61 0.55
CA THR B 166 26.81 -26.41 -0.42
C THR B 166 26.19 -25.77 -1.66
N LEU B 167 27.01 -25.04 -2.41
CA LEU B 167 26.55 -24.51 -3.69
C LEU B 167 26.79 -25.47 -4.86
N GLY B 168 27.71 -26.40 -4.66
CA GLY B 168 28.20 -27.22 -5.77
C GLY B 168 29.06 -26.33 -6.64
N THR B 169 29.40 -26.78 -7.83
CA THR B 169 30.34 -26.02 -8.66
C THR B 169 29.83 -25.69 -10.07
N SER B 170 28.55 -25.91 -10.31
CA SER B 170 27.98 -25.79 -11.65
C SER B 170 27.13 -24.52 -11.86
N LEU B 171 26.86 -23.80 -10.79
CA LEU B 171 25.93 -22.68 -10.82
C LEU B 171 26.43 -21.48 -11.63
N GLY B 172 25.61 -20.96 -12.54
CA GLY B 172 25.96 -19.74 -13.23
C GLY B 172 25.79 -18.57 -12.28
N LEU B 173 26.47 -17.47 -12.57
CA LEU B 173 26.42 -16.26 -11.76
C LEU B 173 25.00 -15.74 -11.62
N LYS B 174 24.21 -15.85 -12.68
CA LYS B 174 22.89 -15.24 -12.58
C LYS B 174 22.05 -16.04 -11.57
N GLU B 175 22.27 -17.35 -11.50
CA GLU B 175 21.52 -18.14 -10.56
C GLU B 175 22.01 -17.90 -9.11
N VAL B 176 23.29 -17.60 -8.94
CA VAL B 176 23.83 -17.35 -7.60
C VAL B 176 23.26 -16.05 -7.09
N GLU B 177 23.21 -15.06 -7.97
CA GLU B 177 22.62 -13.76 -7.65
C GLU B 177 21.21 -13.88 -7.15
N GLU B 178 20.39 -14.59 -7.90
CA GLU B 178 19.01 -14.83 -7.49
C GLU B 178 18.89 -15.56 -6.17
N LYS B 179 19.78 -16.53 -5.90
CA LYS B 179 19.78 -17.15 -4.59
C LYS B 179 20.02 -16.10 -3.51
N VAL B 180 20.99 -15.20 -3.71
CA VAL B 180 21.32 -14.23 -2.65
C VAL B 180 20.17 -13.26 -2.51
N ARG B 181 19.68 -12.73 -3.64
CA ARG B 181 18.53 -11.81 -3.65
C ARG B 181 17.37 -12.42 -2.88
N ASP B 182 17.01 -13.63 -3.25
CA ASP B 182 15.85 -14.29 -2.66
C ASP B 182 16.03 -14.58 -1.18
N PHE B 183 17.26 -14.87 -0.78
CA PHE B 183 17.57 -15.15 0.62
C PHE B 183 17.48 -13.89 1.49
N LEU B 184 18.11 -12.82 1.03
CA LEU B 184 18.03 -11.56 1.76
C LEU B 184 16.58 -11.10 1.85
N LYS B 185 15.78 -11.33 0.81
CA LYS B 185 14.38 -10.93 0.92
C LYS B 185 13.69 -11.72 2.00
N VAL B 186 14.17 -12.93 2.28
CA VAL B 186 13.61 -13.72 3.38
C VAL B 186 14.13 -13.18 4.69
N LYS B 187 15.44 -13.00 4.78
CA LYS B 187 16.03 -12.60 6.05
C LYS B 187 15.56 -11.21 6.52
N PHE B 188 15.44 -10.26 5.59
CA PHE B 188 15.20 -8.86 5.92
C PHE B 188 13.74 -8.40 5.82
N THR B 189 12.81 -9.33 5.61
CA THR B 189 11.40 -8.99 5.74
C THR B 189 10.93 -9.34 7.14
N ASN B 190 10.84 -8.33 8.02
CA ASN B 190 10.45 -8.54 9.41
C ASN B 190 8.97 -8.94 9.48
N SER B 191 8.61 -9.76 10.46
CA SER B 191 7.24 -10.26 10.55
C SER B 191 6.38 -9.33 11.39
N ASN B 192 7.04 -8.67 12.34
CA ASN B 192 6.38 -7.82 13.33
C ASN B 192 5.89 -6.52 12.67
N THR B 193 4.86 -5.91 13.26
CA THR B 193 4.49 -4.56 12.87
C THR B 193 5.70 -3.58 13.12
N PRO B 194 5.76 -2.45 12.37
CA PRO B 194 6.84 -1.45 12.49
C PRO B 194 7.15 -1.03 13.92
N ASN B 195 8.42 -0.97 14.31
CA ASN B 195 8.72 -0.66 15.71
C ASN B 195 9.96 0.21 15.99
N SER B 196 11.07 -0.17 15.36
CA SER B 196 12.25 0.66 15.31
C SER B 196 12.00 1.97 14.61
N TYR B 197 12.80 2.98 14.93
CA TYR B 197 12.78 4.19 14.13
C TYR B 197 13.12 3.91 12.66
N ASN B 198 14.15 3.09 12.44
CA ASN B 198 14.56 2.72 11.09
C ASN B 198 13.92 1.43 10.71
N HIS B 199 13.01 1.51 9.75
CA HIS B 199 12.09 0.44 9.45
C HIS B 199 12.27 0.00 8.00
N MET B 200 12.62 -1.28 7.79
CA MET B 200 12.71 -1.84 6.42
C MET B 200 11.31 -1.98 5.82
N ASP B 201 11.19 -1.79 4.51
CA ASP B 201 9.94 -2.15 3.83
C ASP B 201 10.31 -2.66 2.45
N PRO B 202 9.32 -3.14 1.68
CA PRO B 202 9.77 -3.82 0.45
C PRO B 202 10.53 -2.93 -0.54
N ASP B 203 10.11 -1.67 -0.68
CA ASP B 203 10.76 -0.75 -1.60
C ASP B 203 12.17 -0.40 -1.16
N LYS B 204 12.38 -0.21 0.14
CA LYS B 204 13.73 0.03 0.64
C LYS B 204 14.60 -1.19 0.46
N LEU B 205 14.00 -2.35 0.68
CA LEU B 205 14.76 -3.59 0.48
C LEU B 205 15.23 -3.78 -0.99
N ASN B 206 14.33 -3.61 -1.94
CA ASN B 206 14.71 -3.65 -3.34
C ASN B 206 15.77 -2.58 -3.65
N GLY B 207 15.59 -1.38 -3.11
CA GLY B 207 16.61 -0.36 -3.29
C GLY B 207 17.96 -0.77 -2.75
N LEU B 208 17.95 -1.43 -1.57
CA LEU B 208 19.20 -1.90 -0.99
C LEU B 208 19.85 -2.92 -1.93
N TRP B 209 19.05 -3.88 -2.37
CA TRP B 209 19.56 -4.87 -3.31
C TRP B 209 20.15 -4.24 -4.58
N SER B 210 19.44 -3.26 -5.17
CA SER B 210 19.97 -2.55 -6.32
C SER B 210 21.37 -1.95 -6.09
N ARG B 211 21.62 -1.45 -4.86
CA ARG B 211 22.90 -0.78 -4.56
C ARG B 211 24.05 -1.70 -4.15
N ILE B 212 23.74 -2.92 -3.74
CA ILE B 212 24.84 -3.81 -3.30
C ILE B 212 25.12 -5.00 -4.24
N SER B 213 24.44 -5.07 -5.38
CA SER B 213 24.53 -6.26 -6.26
C SER B 213 25.19 -6.01 -7.58
N HIS B 214 26.06 -5.00 -7.67
CA HIS B 214 26.79 -4.75 -8.94
C HIS B 214 27.65 -5.95 -9.31
N LEU B 215 28.26 -6.57 -8.28
CA LEU B 215 28.98 -7.80 -8.56
C LEU B 215 28.88 -8.80 -7.42
N VAL B 216 28.14 -9.87 -7.67
CA VAL B 216 27.88 -10.91 -6.70
C VAL B 216 28.66 -12.15 -7.19
N LEU B 217 29.56 -12.62 -6.33
CA LEU B 217 30.39 -13.77 -6.67
C LEU B 217 30.38 -14.82 -5.56
N PRO B 218 30.32 -16.09 -5.95
CA PRO B 218 30.40 -17.18 -4.98
C PRO B 218 31.83 -17.55 -4.61
N VAL B 219 31.95 -18.01 -3.36
CA VAL B 219 33.18 -18.51 -2.76
C VAL B 219 33.01 -19.99 -2.45
N GLN B 220 34.06 -20.75 -2.76
CA GLN B 220 34.06 -22.23 -2.70
C GLN B 220 34.95 -22.70 -1.57
N PRO B 221 34.79 -23.97 -1.15
CA PRO B 221 35.54 -24.32 0.06
C PRO B 221 37.03 -24.41 -0.12
N GLU B 222 37.72 -24.20 1.01
CA GLU B 222 39.15 -24.39 1.12
C GLU B 222 39.51 -25.31 2.27
N ASN B 223 40.03 -26.50 1.93
CA ASN B 223 40.32 -27.51 2.93
C ASN B 223 41.43 -27.11 3.90
N ALA B 224 42.32 -26.26 3.45
CA ALA B 224 43.40 -25.90 4.35
C ALA B 224 43.05 -24.83 5.35
N LEU B 225 41.79 -24.36 5.35
CA LEU B 225 41.34 -23.40 6.32
C LEU B 225 40.77 -24.12 7.53
N LYS B 226 41.08 -23.57 8.69
CA LYS B 226 40.59 -24.04 9.99
C LYS B 226 40.52 -22.79 10.86
N ARG B 227 39.54 -22.72 11.76
CA ARG B 227 39.42 -21.61 12.70
C ARG B 227 39.39 -20.32 11.87
N GLY B 228 39.51 -19.15 12.50
CA GLY B 228 39.85 -17.97 11.76
C GLY B 228 41.32 -17.89 11.39
N ILE B 229 41.95 -19.02 11.06
CA ILE B 229 43.34 -19.00 10.60
C ILE B 229 43.43 -18.91 9.09
N CYS B 230 43.53 -17.70 8.61
CA CYS B 230 43.61 -17.50 7.17
C CYS B 230 44.98 -17.88 6.66
N LEU B 231 45.07 -18.12 5.36
CA LEU B 231 46.36 -18.46 4.76
C LEU B 231 47.17 -17.20 4.48
N MET C 1 -45.52 -5.47 5.09
CA MET C 1 -45.36 -4.93 3.74
C MET C 1 -44.24 -3.89 3.63
N GLN C 2 -43.41 -4.01 2.60
CA GLN C 2 -42.39 -3.02 2.34
C GLN C 2 -42.97 -1.78 1.65
N VAL C 3 -42.25 -0.68 1.69
CA VAL C 3 -42.71 0.54 1.01
C VAL C 3 -42.56 0.41 -0.52
N GLN C 4 -43.45 1.08 -1.26
CA GLN C 4 -43.49 1.06 -2.73
C GLN C 4 -43.43 2.48 -3.22
N LEU C 5 -42.65 2.75 -4.26
CA LEU C 5 -42.49 4.10 -4.75
C LEU C 5 -42.95 4.17 -6.20
N VAL C 6 -43.70 5.22 -6.55
CA VAL C 6 -44.22 5.36 -7.89
C VAL C 6 -44.02 6.82 -8.30
N GLU C 7 -43.17 7.05 -9.30
CA GLU C 7 -42.87 8.43 -9.71
C GLU C 7 -43.80 8.88 -10.83
N SER C 8 -44.13 10.17 -10.87
CA SER C 8 -44.91 10.72 -11.99
C SER C 8 -44.45 12.14 -12.25
N GLY C 9 -44.96 12.77 -13.31
CA GLY C 9 -44.69 14.19 -13.51
C GLY C 9 -43.66 14.44 -14.62
N GLY C 10 -43.08 13.37 -15.10
CA GLY C 10 -42.17 13.43 -16.24
C GLY C 10 -42.82 13.93 -17.52
N GLY C 11 -42.02 14.10 -18.54
CA GLY C 11 -42.59 14.51 -19.82
C GLY C 11 -41.56 15.26 -20.63
N LEU C 12 -42.04 15.86 -21.71
CA LEU C 12 -41.22 16.58 -22.67
C LEU C 12 -41.39 18.09 -22.50
N VAL C 13 -40.31 18.82 -22.42
CA VAL C 13 -40.35 20.27 -22.32
C VAL C 13 -39.21 20.84 -23.13
N GLN C 14 -39.35 22.01 -23.67
CA GLN C 14 -38.25 22.70 -24.39
C GLN C 14 -37.36 23.29 -23.36
N ALA C 15 -36.08 23.40 -23.68
CA ALA C 15 -35.15 24.04 -22.74
C ALA C 15 -35.69 25.38 -22.23
N GLY C 16 -35.53 25.61 -20.93
CA GLY C 16 -36.01 26.80 -20.23
C GLY C 16 -37.26 26.49 -19.46
N GLY C 17 -37.96 25.41 -19.79
CA GLY C 17 -39.21 25.13 -19.12
C GLY C 17 -39.02 24.50 -17.74
N SER C 18 -40.12 24.00 -17.19
CA SER C 18 -40.12 23.41 -15.88
C SER C 18 -40.92 22.16 -15.82
N LEU C 19 -40.56 21.25 -14.88
CA LEU C 19 -41.39 20.10 -14.61
C LEU C 19 -41.43 19.95 -13.06
N ARG C 20 -42.44 19.28 -12.56
CA ARG C 20 -42.49 18.91 -11.12
CA ARG C 20 -42.47 18.92 -11.13
C ARG C 20 -42.70 17.43 -11.01
N LEU C 21 -41.67 16.71 -10.58
CA LEU C 21 -41.78 15.27 -10.41
C LEU C 21 -42.37 15.01 -9.04
N SER C 22 -43.23 14.01 -8.94
CA SER C 22 -43.68 13.60 -7.61
C SER C 22 -43.45 12.07 -7.45
N CYS C 23 -43.23 11.65 -6.22
CA CYS C 23 -43.20 10.24 -5.93
C CYS C 23 -44.15 9.93 -4.78
N ALA C 24 -45.10 9.05 -5.05
CA ALA C 24 -46.08 8.65 -4.04
C ALA C 24 -45.56 7.34 -3.40
N ALA C 25 -45.51 7.30 -2.07
CA ALA C 25 -45.11 6.12 -1.31
C ALA C 25 -46.33 5.40 -0.75
N SER C 26 -46.39 4.08 -0.88
CA SER C 26 -47.46 3.27 -0.31
C SER C 26 -46.92 2.13 0.55
N GLY C 27 -47.70 1.68 1.54
CA GLY C 27 -47.30 0.53 2.35
C GLY C 27 -46.65 0.84 3.69
N ARG C 28 -45.90 1.94 3.74
CA ARG C 28 -45.28 2.45 4.96
C ARG C 28 -45.38 3.96 4.98
N THR C 29 -45.33 4.54 6.18
CA THR C 29 -45.21 6.01 6.25
C THR C 29 -43.91 6.52 5.65
N LEU C 30 -44.02 7.50 4.78
CA LEU C 30 -42.86 8.05 4.10
C LEU C 30 -41.93 8.74 5.09
N SER C 31 -42.48 9.24 6.20
CA SER C 31 -41.67 9.95 7.20
C SER C 31 -40.61 9.05 7.83
N SER C 32 -40.77 7.74 7.60
CA SER C 32 -39.76 6.78 8.05
C SER C 32 -38.44 6.82 7.28
N TYR C 33 -38.43 7.45 6.13
CA TYR C 33 -37.34 7.27 5.12
C TYR C 33 -36.67 8.58 4.75
N ALA C 34 -35.36 8.57 4.67
CA ALA C 34 -34.67 9.61 3.89
C ALA C 34 -34.93 9.27 2.39
N VAL C 35 -34.97 10.30 1.56
CA VAL C 35 -35.35 10.16 0.14
C VAL C 35 -34.35 10.85 -0.72
N GLY C 36 -34.08 10.24 -1.90
CA GLY C 36 -33.16 10.82 -2.86
C GLY C 36 -33.76 10.72 -4.27
N TRP C 37 -33.37 11.66 -5.09
CA TRP C 37 -33.66 11.57 -6.51
C TRP C 37 -32.36 11.34 -7.23
N PHE C 38 -32.43 10.43 -8.21
CA PHE C 38 -31.24 10.12 -9.01
C PHE C 38 -31.69 10.17 -10.47
N ARG C 39 -30.72 10.20 -11.42
CA ARG C 39 -31.14 10.20 -12.83
C ARG C 39 -30.12 9.39 -13.63
N GLN C 40 -30.58 8.81 -14.70
CA GLN C 40 -29.67 8.05 -15.60
C GLN C 40 -30.12 8.17 -17.01
N ALA C 41 -29.20 8.63 -17.85
CA ALA C 41 -29.37 8.60 -19.30
C ALA C 41 -28.71 7.36 -19.92
N PRO C 42 -29.19 6.89 -21.07
CA PRO C 42 -28.66 5.65 -21.68
C PRO C 42 -27.14 5.60 -21.81
N GLY C 43 -26.56 4.55 -21.25
CA GLY C 43 -25.12 4.34 -21.42
C GLY C 43 -24.25 5.10 -20.41
N LEU C 44 -24.88 5.93 -19.60
CA LEU C 44 -24.13 6.78 -18.68
C LEU C 44 -24.35 6.34 -17.26
N GLU C 45 -23.50 6.88 -16.39
CA GLU C 45 -23.56 6.54 -14.99
C GLU C 45 -24.74 7.20 -14.32
N ARG C 46 -25.43 6.46 -13.47
CA ARG C 46 -26.50 7.05 -12.69
C ARG C 46 -25.90 8.15 -11.85
N GLU C 47 -26.61 9.26 -11.71
CA GLU C 47 -26.14 10.50 -11.12
C GLU C 47 -27.03 10.90 -9.92
N PHE C 48 -26.42 11.20 -8.80
CA PHE C 48 -27.18 11.84 -7.73
C PHE C 48 -27.74 13.20 -8.13
N VAL C 49 -29.00 13.49 -7.72
CA VAL C 49 -29.65 14.81 -8.04
C VAL C 49 -29.95 15.60 -6.75
N ALA C 50 -30.69 14.98 -5.83
CA ALA C 50 -30.99 15.65 -4.54
C ALA C 50 -31.41 14.67 -3.50
N THR C 51 -31.35 15.12 -2.23
CA THR C 51 -31.77 14.20 -1.16
C THR C 51 -32.36 15.06 -0.02
N ILE C 52 -33.21 14.43 0.78
CA ILE C 52 -33.92 15.20 1.84
C ILE C 52 -34.10 14.23 3.01
N SER C 53 -33.89 14.80 4.23
CA SER C 53 -33.95 14.01 5.47
C SER C 53 -35.41 13.71 5.83
N ARG C 54 -35.64 12.77 6.73
CA ARG C 54 -36.99 12.38 7.16
C ARG C 54 -37.84 13.60 7.60
N SER C 55 -37.19 14.50 8.35
CA SER C 55 -37.87 15.68 8.91
C SER C 55 -38.13 16.74 7.86
N GLY C 56 -37.40 16.69 6.76
CA GLY C 56 -37.49 17.70 5.69
C GLY C 56 -36.50 18.81 6.00
N GLY C 57 -35.88 18.78 7.18
CA GLY C 57 -35.00 19.85 7.61
C GLY C 57 -33.64 19.93 6.92
N SER C 58 -33.18 18.83 6.31
CA SER C 58 -31.85 18.86 5.73
C SER C 58 -31.92 18.36 4.27
N THR C 59 -31.27 19.10 3.38
CA THR C 59 -31.27 18.71 1.93
C THR C 59 -29.92 18.90 1.35
N HIS C 60 -29.67 18.20 0.24
CA HIS C 60 -28.46 18.44 -0.42
C HIS C 60 -28.70 18.26 -1.95
N TYR C 61 -27.90 18.95 -2.75
CA TYR C 61 -28.09 18.95 -4.21
C TYR C 61 -26.82 18.75 -4.92
N ALA C 62 -26.93 18.10 -6.08
CA ALA C 62 -25.79 18.10 -6.98
C ALA C 62 -25.44 19.50 -7.44
N ASP C 63 -24.15 19.74 -7.59
CA ASP C 63 -23.72 21.09 -8.00
C ASP C 63 -24.42 21.57 -9.31
N SER C 64 -24.58 20.65 -10.25
CA SER C 64 -25.18 20.98 -11.55
C SER C 64 -26.65 21.36 -11.53
N VAL C 65 -27.35 21.12 -10.40
CA VAL C 65 -28.77 21.43 -10.37
C VAL C 65 -29.12 22.43 -9.30
N LYS C 66 -28.13 22.81 -8.48
CA LYS C 66 -28.36 23.70 -7.37
C LYS C 66 -28.87 25.07 -7.88
N GLY C 67 -29.92 25.57 -7.22
CA GLY C 67 -30.49 26.83 -7.62
C GLY C 67 -31.54 26.69 -8.71
N ARG C 68 -31.63 25.51 -9.32
CA ARG C 68 -32.64 25.23 -10.33
C ARG C 68 -33.69 24.25 -9.84
N PHE C 69 -33.27 23.21 -9.10
CA PHE C 69 -34.14 22.19 -8.58
C PHE C 69 -34.39 22.34 -7.09
N THR C 70 -35.54 21.86 -6.63
CA THR C 70 -35.87 21.92 -5.21
C THR C 70 -36.55 20.65 -4.85
N ILE C 71 -35.99 19.96 -3.85
CA ILE C 71 -36.55 18.72 -3.35
C ILE C 71 -37.38 19.10 -2.12
N SER C 72 -38.52 18.45 -1.97
CA SER C 72 -39.33 18.77 -0.83
C SER C 72 -40.18 17.58 -0.56
N ARG C 73 -40.76 17.50 0.61
CA ARG C 73 -41.59 16.36 0.91
C ARG C 73 -42.84 16.75 1.71
N ASP C 74 -43.91 15.99 1.53
CA ASP C 74 -45.12 16.22 2.32
C ASP C 74 -45.42 14.91 3.00
N ASN C 75 -44.88 14.75 4.21
CA ASN C 75 -45.08 13.49 4.90
C ASN C 75 -46.54 13.15 5.15
N ALA C 76 -47.40 14.16 5.39
CA ALA C 76 -48.82 13.91 5.57
C ALA C 76 -49.48 13.19 4.38
N LYS C 77 -49.04 13.51 3.17
CA LYS C 77 -49.65 12.95 1.95
C LYS C 77 -48.76 11.80 1.42
N ASN C 78 -47.71 11.48 2.17
CA ASN C 78 -46.77 10.38 1.81
C ASN C 78 -46.18 10.60 0.41
N THR C 79 -45.82 11.83 0.09
CA THR C 79 -45.33 12.16 -1.27
C THR C 79 -44.09 13.00 -1.19
N VAL C 80 -43.17 12.80 -2.13
CA VAL C 80 -41.97 13.63 -2.20
C VAL C 80 -41.94 14.29 -3.58
N TYR C 81 -41.33 15.46 -3.67
CA TYR C 81 -41.32 16.22 -4.94
C TYR C 81 -39.95 16.62 -5.38
N LEU C 82 -39.81 16.81 -6.69
CA LEU C 82 -38.63 17.47 -7.23
C LEU C 82 -39.08 18.52 -8.23
N GLN C 83 -38.95 19.79 -7.83
CA GLN C 83 -39.31 20.89 -8.68
C GLN C 83 -38.11 21.12 -9.57
N MET C 84 -38.31 21.09 -10.89
CA MET C 84 -37.18 21.25 -11.81
C MET C 84 -37.44 22.46 -12.69
N ASN C 85 -36.75 23.58 -12.43
CA ASN C 85 -36.90 24.81 -13.21
C ASN C 85 -35.70 25.03 -14.11
N SER C 86 -35.86 25.93 -15.07
CA SER C 86 -34.76 26.29 -15.99
C SER C 86 -34.07 25.06 -16.60
N LEU C 87 -34.88 24.11 -17.03
CA LEU C 87 -34.34 22.86 -17.54
C LEU C 87 -33.46 23.04 -18.77
N LYS C 88 -32.49 22.13 -18.86
CA LYS C 88 -31.45 22.11 -19.92
C LYS C 88 -31.43 20.72 -20.58
N PRO C 89 -30.94 20.63 -21.81
CA PRO C 89 -30.78 19.31 -22.43
C PRO C 89 -29.94 18.35 -21.58
N GLU C 90 -28.97 18.89 -20.87
CA GLU C 90 -28.13 18.04 -20.00
C GLU C 90 -28.96 17.34 -18.91
N ASP C 91 -30.19 17.79 -18.71
CA ASP C 91 -31.04 17.22 -17.64
C ASP C 91 -31.86 16.07 -18.12
N THR C 92 -31.82 15.82 -19.44
CA THR C 92 -32.57 14.70 -20.00
C THR C 92 -32.08 13.38 -19.40
N ALA C 93 -33.00 12.52 -18.94
CA ALA C 93 -32.62 11.24 -18.28
C ALA C 93 -33.90 10.61 -17.75
N VAL C 94 -33.79 9.36 -17.30
CA VAL C 94 -34.87 8.75 -16.54
C VAL C 94 -34.61 9.19 -15.06
N TYR C 95 -35.61 9.68 -14.37
CA TYR C 95 -35.42 10.12 -12.95
C TYR C 95 -36.04 9.08 -12.06
N TYR C 96 -35.31 8.71 -11.00
CA TYR C 96 -35.79 7.70 -10.05
C TYR C 96 -35.84 8.30 -8.67
N CYS C 97 -36.89 7.95 -7.93
CA CYS C 97 -36.95 8.27 -6.49
C CYS C 97 -36.50 7.01 -5.72
N ALA C 98 -35.78 7.20 -4.62
CA ALA C 98 -35.29 6.11 -3.80
C ALA C 98 -35.54 6.47 -2.36
N ALA C 99 -35.77 5.46 -1.51
CA ALA C 99 -36.01 5.69 -0.09
C ALA C 99 -35.15 4.73 0.76
N THR C 100 -34.79 5.17 1.97
CA THR C 100 -34.01 4.25 2.81
C THR C 100 -34.26 4.69 4.27
N PHE C 101 -34.43 3.70 5.10
CA PHE C 101 -34.64 3.99 6.52
C PHE C 101 -33.38 4.53 7.14
N THR C 102 -33.57 5.50 8.06
CA THR C 102 -32.51 5.92 8.93
C THR C 102 -33.12 6.40 10.28
N PRO C 103 -32.45 6.19 11.38
CA PRO C 103 -33.08 6.54 12.68
C PRO C 103 -32.90 8.01 13.02
N ASP C 104 -32.00 8.67 12.30
CA ASP C 104 -31.74 10.08 12.57
C ASP C 104 -32.55 10.99 11.55
N GLY C 105 -33.39 11.85 12.10
CA GLY C 105 -34.25 12.68 11.25
C GLY C 105 -33.58 13.71 10.37
N SER C 106 -32.29 13.96 10.59
CA SER C 106 -31.56 14.97 9.77
C SER C 106 -30.61 14.36 8.74
N TRP C 107 -30.37 13.06 8.86
CA TRP C 107 -29.45 12.42 7.90
C TRP C 107 -30.01 12.21 6.52
N TYR C 108 -29.15 12.46 5.52
CA TYR C 108 -29.52 12.18 4.14
C TYR C 108 -28.40 11.37 3.49
N TYR C 109 -28.66 11.01 2.23
CA TYR C 109 -27.78 10.05 1.50
C TYR C 109 -27.67 10.47 0.04
N THR C 110 -26.41 10.67 -0.37
CA THR C 110 -26.16 11.10 -1.78
C THR C 110 -25.65 9.96 -2.69
N ARG C 111 -25.46 8.75 -2.13
CA ARG C 111 -25.01 7.61 -2.94
C ARG C 111 -26.16 6.62 -3.15
N GLY C 112 -26.33 6.19 -4.38
CA GLY C 112 -27.42 5.28 -4.67
C GLY C 112 -27.32 4.00 -3.86
N SER C 113 -26.09 3.58 -3.58
CA SER C 113 -25.84 2.31 -2.85
C SER C 113 -26.43 2.35 -1.42
N SER C 114 -26.70 3.57 -0.98
CA SER C 114 -27.26 3.76 0.37
C SER C 114 -28.72 3.41 0.46
N TYR C 115 -29.37 3.27 -0.71
CA TYR C 115 -30.83 3.25 -0.72
C TYR C 115 -31.41 1.86 -0.97
N ASP C 116 -32.36 1.42 -0.15
CA ASP C 116 -32.94 0.08 -0.30
C ASP C 116 -34.13 -0.07 -1.26
N TYR C 117 -34.91 1.01 -1.41
CA TYR C 117 -36.10 1.00 -2.23
C TYR C 117 -36.04 1.98 -3.38
N TRP C 118 -36.54 1.57 -4.53
CA TRP C 118 -36.52 2.47 -5.69
C TRP C 118 -37.83 2.51 -6.43
N GLY C 119 -38.12 3.62 -7.12
CA GLY C 119 -39.27 3.64 -8.01
C GLY C 119 -38.88 3.10 -9.38
N GLN C 120 -39.85 3.08 -10.28
CA GLN C 120 -39.71 2.53 -11.62
C GLN C 120 -39.03 3.54 -12.57
N GLY C 121 -38.99 4.80 -12.16
CA GLY C 121 -38.43 5.86 -12.97
C GLY C 121 -39.46 6.60 -13.84
N THR C 122 -39.16 7.84 -14.19
CA THR C 122 -40.02 8.66 -15.06
C THR C 122 -39.09 9.40 -16.04
N GLN C 123 -39.34 9.23 -17.34
CA GLN C 123 -38.55 9.94 -18.32
C GLN C 123 -38.75 11.45 -18.33
N VAL C 124 -37.63 12.18 -18.34
CA VAL C 124 -37.60 13.61 -18.49
C VAL C 124 -36.83 13.91 -19.74
N THR C 125 -37.49 14.60 -20.71
CA THR C 125 -36.78 14.91 -21.95
C THR C 125 -36.79 16.42 -22.18
N VAL C 126 -35.61 17.00 -22.37
CA VAL C 126 -35.56 18.44 -22.52
C VAL C 126 -35.02 18.74 -23.89
N SER C 127 -35.86 19.34 -24.77
CA SER C 127 -35.42 19.50 -26.13
C SER C 127 -34.65 20.80 -26.34
N SER C 128 -33.80 20.76 -27.33
CA SER C 128 -32.75 21.74 -27.55
C SER C 128 -33.21 23.00 -28.30
N MET D 1 1.78 -5.34 -6.80
CA MET D 1 2.29 -4.88 -8.09
C MET D 1 3.64 -4.23 -7.96
N GLN D 2 4.25 -3.95 -9.10
CA GLN D 2 5.46 -3.18 -9.11
C GLN D 2 5.23 -1.93 -9.96
N VAL D 3 6.00 -0.87 -9.78
CA VAL D 3 5.69 0.36 -10.52
C VAL D 3 5.89 0.12 -12.03
N GLN D 4 5.01 0.73 -12.80
CA GLN D 4 5.11 0.70 -14.27
C GLN D 4 4.95 2.11 -14.80
N LEU D 5 5.73 2.47 -15.80
CA LEU D 5 5.77 3.85 -16.28
C LEU D 5 5.31 3.92 -17.71
N VAL D 6 4.48 4.92 -18.02
CA VAL D 6 4.01 5.07 -19.40
C VAL D 6 4.09 6.52 -19.88
N GLU D 7 4.88 6.77 -20.93
CA GLU D 7 5.12 8.13 -21.38
C GLU D 7 4.12 8.53 -22.47
N SER D 8 3.81 9.83 -22.51
CA SER D 8 2.98 10.32 -23.60
C SER D 8 3.39 11.77 -23.90
N GLY D 9 2.84 12.33 -24.97
CA GLY D 9 3.04 13.75 -25.24
C GLY D 9 4.08 14.01 -26.35
N GLY D 10 4.76 12.97 -26.81
CA GLY D 10 5.66 13.06 -27.96
C GLY D 10 4.94 13.49 -29.23
N GLY D 11 5.64 14.17 -30.10
CA GLY D 11 5.09 14.46 -31.43
C GLY D 11 6.08 15.21 -32.28
N LEU D 12 5.57 15.69 -33.41
CA LEU D 12 6.32 16.48 -34.35
C LEU D 12 6.10 17.97 -34.21
N VAL D 13 7.20 18.71 -34.10
CA VAL D 13 7.17 20.15 -34.05
C VAL D 13 8.31 20.71 -34.89
N GLN D 14 8.15 21.94 -35.33
CA GLN D 14 9.16 22.63 -36.12
C GLN D 14 10.10 23.25 -35.08
N ALA D 15 11.36 23.51 -35.44
CA ALA D 15 12.28 24.14 -34.49
C ALA D 15 11.71 25.42 -33.93
N GLY D 16 11.88 25.61 -32.63
CA GLY D 16 11.35 26.80 -31.97
C GLY D 16 10.11 26.48 -31.19
N GLY D 17 9.46 25.38 -31.56
CA GLY D 17 8.23 24.99 -30.91
C GLY D 17 8.39 24.35 -29.51
N SER D 18 7.28 23.87 -28.93
CA SER D 18 7.31 23.25 -27.62
C SER D 18 6.53 21.94 -27.61
N LEU D 19 6.91 21.04 -26.68
CA LEU D 19 6.13 19.87 -26.36
C LEU D 19 6.10 19.71 -24.83
N ARG D 20 5.04 19.10 -24.30
CA ARG D 20 5.02 18.75 -22.86
C ARG D 20 4.90 17.22 -22.78
N LEU D 21 5.95 16.56 -22.34
CA LEU D 21 5.90 15.13 -22.11
C LEU D 21 5.32 14.83 -20.76
N SER D 22 4.54 13.74 -20.71
CA SER D 22 3.99 13.24 -19.42
C SER D 22 4.36 11.81 -19.22
N CYS D 23 4.42 11.39 -17.98
CA CYS D 23 4.60 9.97 -17.67
C CYS D 23 3.67 9.63 -16.52
N ALA D 24 2.85 8.61 -16.71
CA ALA D 24 1.90 8.19 -15.68
C ALA D 24 2.46 6.92 -15.09
N ALA D 25 2.50 6.88 -13.76
CA ALA D 25 3.02 5.75 -13.05
C ALA D 25 1.87 4.95 -12.46
N SER D 26 1.91 3.64 -12.61
CA SER D 26 0.86 2.76 -12.07
C SER D 26 1.46 1.83 -11.02
N GLY D 27 0.61 1.17 -10.24
CA GLY D 27 1.10 0.16 -9.33
C GLY D 27 1.60 0.61 -7.97
N ARG D 28 2.50 1.58 -7.95
CA ARG D 28 3.04 2.15 -6.71
C ARG D 28 2.96 3.67 -6.74
N THR D 29 3.10 4.26 -5.56
CA THR D 29 3.13 5.68 -5.48
C THR D 29 4.40 6.25 -6.13
N LEU D 30 4.20 7.13 -7.11
CA LEU D 30 5.28 7.85 -7.78
C LEU D 30 6.17 8.57 -6.74
N SER D 31 5.54 9.05 -5.67
CA SER D 31 6.25 9.81 -4.61
C SER D 31 7.38 8.98 -3.94
N SER D 32 7.40 7.65 -4.19
CA SER D 32 8.47 6.80 -3.60
C SER D 32 9.80 6.91 -4.34
N TYR D 33 9.78 7.57 -5.51
CA TYR D 33 10.92 7.45 -6.48
C TYR D 33 11.51 8.75 -6.92
N ALA D 34 12.83 8.83 -6.99
CA ALA D 34 13.46 9.84 -7.81
C ALA D 34 13.15 9.47 -9.28
N VAL D 35 12.94 10.48 -10.11
CA VAL D 35 12.61 10.23 -11.50
C VAL D 35 13.61 10.92 -12.43
N GLY D 36 13.91 10.33 -13.58
CA GLY D 36 14.74 11.08 -14.49
C GLY D 36 14.17 10.92 -15.92
N TRP D 37 14.55 11.83 -16.80
CA TRP D 37 14.21 11.66 -18.23
C TRP D 37 15.47 11.48 -18.96
N PHE D 38 15.44 10.58 -19.97
CA PHE D 38 16.61 10.22 -20.76
C PHE D 38 16.15 10.25 -22.21
N ARG D 39 17.07 10.38 -23.17
CA ARG D 39 16.65 10.30 -24.57
C ARG D 39 17.70 9.49 -25.34
N GLN D 40 17.26 8.89 -26.45
CA GLN D 40 18.18 8.12 -27.31
C GLN D 40 17.67 8.18 -28.70
N ALA D 41 18.54 8.62 -29.58
CA ALA D 41 18.24 8.58 -31.02
C ALA D 41 18.86 7.30 -31.59
N PRO D 42 18.32 6.79 -32.70
CA PRO D 42 18.70 5.48 -33.23
C PRO D 42 20.19 5.34 -33.50
N GLY D 43 20.78 4.33 -32.87
CA GLY D 43 22.18 4.03 -33.10
C GLY D 43 23.10 4.82 -32.19
N LEU D 44 22.55 5.77 -31.44
CA LEU D 44 23.41 6.65 -30.67
C LEU D 44 23.26 6.33 -29.19
N GLU D 45 24.14 6.93 -28.37
CA GLU D 45 24.14 6.65 -26.94
C GLU D 45 22.98 7.31 -26.24
N ARG D 46 22.43 6.62 -25.25
CA ARG D 46 21.36 7.19 -24.45
C ARG D 46 21.95 8.35 -23.66
N GLU D 47 21.18 9.42 -23.52
CA GLU D 47 21.63 10.66 -22.91
C GLU D 47 20.75 11.05 -21.71
N PHE D 48 21.38 11.44 -20.61
CA PHE D 48 20.63 12.05 -19.49
C PHE D 48 20.04 13.42 -19.92
N VAL D 49 18.78 13.69 -19.54
CA VAL D 49 18.11 14.97 -19.87
C VAL D 49 17.84 15.73 -18.56
N ALA D 50 17.14 15.11 -17.60
CA ALA D 50 16.80 15.81 -16.33
C ALA D 50 16.44 14.83 -15.25
N THR D 51 16.52 15.30 -14.02
CA THR D 51 16.10 14.44 -12.89
C THR D 51 15.49 15.34 -11.78
N ILE D 52 14.62 14.71 -10.99
CA ILE D 52 13.87 15.45 -9.90
C ILE D 52 13.76 14.49 -8.74
N SER D 53 14.01 15.01 -7.50
CA SER D 53 13.90 14.24 -6.26
C SER D 53 12.43 13.92 -5.92
N ARG D 54 12.20 13.00 -5.00
CA ARG D 54 10.88 12.59 -4.56
C ARG D 54 10.03 13.81 -4.13
N SER D 55 10.68 14.72 -3.41
CA SER D 55 9.94 15.92 -2.91
C SER D 55 9.60 16.94 -3.97
N GLY D 56 10.33 16.87 -5.09
CA GLY D 56 10.27 17.91 -6.12
C GLY D 56 11.20 19.08 -5.83
N GLY D 57 11.88 19.09 -4.68
CA GLY D 57 12.66 20.26 -4.32
C GLY D 57 14.05 20.34 -4.94
N SER D 58 14.51 19.25 -5.56
CA SER D 58 15.87 19.20 -6.09
C SER D 58 15.80 18.69 -7.51
N THR D 59 16.39 19.45 -8.43
CA THR D 59 16.44 19.04 -9.87
C THR D 59 17.82 19.24 -10.43
N HIS D 60 18.07 18.58 -11.55
CA HIS D 60 19.29 18.80 -12.27
C HIS D 60 19.04 18.59 -13.77
N TYR D 61 19.76 19.33 -14.62
CA TYR D 61 19.54 19.23 -16.08
C TYR D 61 20.83 19.03 -16.81
N ALA D 62 20.75 18.34 -17.96
CA ALA D 62 21.90 18.35 -18.83
C ALA D 62 22.21 19.74 -19.33
N ASP D 63 23.48 20.03 -19.54
CA ASP D 63 23.89 21.37 -19.99
C ASP D 63 23.15 21.81 -21.25
N SER D 64 22.95 20.89 -22.17
CA SER D 64 22.43 21.27 -23.46
C SER D 64 20.92 21.60 -23.40
N VAL D 65 20.25 21.28 -22.29
CA VAL D 65 18.81 21.61 -22.17
C VAL D 65 18.47 22.60 -21.11
N LYS D 66 19.47 22.98 -20.32
CA LYS D 66 19.24 23.92 -19.23
C LYS D 66 18.66 25.24 -19.79
N GLY D 67 17.56 25.69 -19.17
CA GLY D 67 16.93 26.95 -19.54
C GLY D 67 15.87 26.79 -20.62
N ARG D 68 15.79 25.60 -21.20
CA ARG D 68 14.78 25.31 -22.19
C ARG D 68 13.78 24.31 -21.69
N PHE D 69 14.24 23.32 -20.91
CA PHE D 69 13.38 22.24 -20.47
C PHE D 69 13.12 22.38 -18.98
N THR D 70 11.96 21.92 -18.51
CA THR D 70 11.70 21.93 -17.07
C THR D 70 11.10 20.63 -16.69
N ILE D 71 11.67 19.98 -15.65
CA ILE D 71 11.09 18.74 -15.19
C ILE D 71 10.25 19.11 -13.94
N SER D 72 9.10 18.49 -13.82
CA SER D 72 8.29 18.68 -12.61
C SER D 72 7.50 17.45 -12.36
N ARG D 73 6.85 17.38 -11.20
CA ARG D 73 6.10 16.18 -10.91
C ARG D 73 4.85 16.52 -10.13
N ASP D 74 3.86 15.63 -10.19
CA ASP D 74 2.63 15.84 -9.44
C ASP D 74 2.38 14.54 -8.76
N ASN D 75 2.98 14.40 -7.56
CA ASN D 75 2.83 13.17 -6.83
C ASN D 75 1.40 12.76 -6.53
N ALA D 76 0.52 13.74 -6.25
CA ALA D 76 -0.86 13.40 -5.99
C ALA D 76 -1.50 12.73 -7.21
N LYS D 77 -1.14 13.18 -8.41
CA LYS D 77 -1.69 12.57 -9.63
C LYS D 77 -0.84 11.41 -10.16
N ASN D 78 0.29 11.11 -9.50
CA ASN D 78 1.18 10.01 -9.90
C ASN D 78 1.75 10.26 -11.29
N THR D 79 2.04 11.51 -11.62
CA THR D 79 2.51 11.81 -12.98
C THR D 79 3.77 12.66 -12.87
N VAL D 80 4.69 12.55 -13.84
CA VAL D 80 5.86 13.44 -13.92
C VAL D 80 5.83 14.08 -15.32
N TYR D 81 6.41 15.26 -15.44
CA TYR D 81 6.31 16.07 -16.71
C TYR D 81 7.68 16.47 -17.19
N LEU D 82 7.82 16.70 -18.50
CA LEU D 82 9.01 17.34 -18.97
C LEU D 82 8.52 18.44 -19.98
N GLN D 83 8.66 19.70 -19.61
CA GLN D 83 8.23 20.84 -20.49
C GLN D 83 9.42 21.08 -21.39
N MET D 84 9.26 21.01 -22.71
CA MET D 84 10.37 21.23 -23.63
C MET D 84 10.10 22.44 -24.52
N ASN D 85 10.75 23.56 -24.24
CA ASN D 85 10.57 24.80 -25.02
C ASN D 85 11.78 25.03 -25.89
N SER D 86 11.60 25.88 -26.91
CA SER D 86 12.66 26.28 -27.80
C SER D 86 13.35 25.05 -28.37
N LEU D 87 12.56 24.11 -28.87
CA LEU D 87 13.10 22.85 -29.36
C LEU D 87 13.98 23.04 -30.56
N LYS D 88 14.95 22.15 -30.69
CA LYS D 88 15.97 22.17 -31.75
C LYS D 88 15.99 20.80 -32.41
N PRO D 89 16.52 20.74 -33.62
CA PRO D 89 16.58 19.44 -34.27
C PRO D 89 17.47 18.47 -33.50
N GLU D 90 18.47 19.00 -32.79
CA GLU D 90 19.32 18.14 -31.97
C GLU D 90 18.55 17.44 -30.84
N ASP D 91 17.34 17.87 -30.52
CA ASP D 91 16.50 17.23 -29.51
C ASP D 91 15.67 16.05 -29.99
N THR D 92 15.68 15.78 -31.29
CA THR D 92 14.94 14.66 -31.80
C THR D 92 15.46 13.34 -31.23
N ALA D 93 14.57 12.52 -30.68
CA ALA D 93 14.98 11.21 -30.06
C ALA D 93 13.74 10.59 -29.47
N VAL D 94 13.89 9.36 -29.02
CA VAL D 94 12.87 8.77 -28.13
C VAL D 94 13.20 9.21 -26.72
N TYR D 95 12.20 9.70 -25.99
CA TYR D 95 12.41 10.14 -24.60
C TYR D 95 11.85 9.13 -23.64
N TYR D 96 12.65 8.75 -22.64
CA TYR D 96 12.26 7.70 -21.68
C TYR D 96 12.17 8.27 -20.29
N CYS D 97 11.15 7.87 -19.57
CA CYS D 97 11.05 8.23 -18.11
C CYS D 97 11.55 7.05 -17.30
N ALA D 98 12.28 7.34 -16.22
CA ALA D 98 12.83 6.29 -15.37
C ALA D 98 12.62 6.65 -13.93
N ALA D 99 12.51 5.63 -13.10
CA ALA D 99 12.25 5.80 -11.63
C ALA D 99 13.17 4.90 -10.81
N THR D 100 13.60 5.41 -9.66
CA THR D 100 14.42 4.59 -8.74
C THR D 100 14.12 4.99 -7.30
N PHE D 101 14.07 3.98 -6.44
CA PHE D 101 13.79 4.28 -5.06
C PHE D 101 14.97 4.99 -4.41
N THR D 102 14.68 5.93 -3.54
CA THR D 102 15.69 6.47 -2.67
C THR D 102 15.03 6.91 -1.33
N PRO D 103 15.68 6.67 -0.20
CA PRO D 103 15.08 7.07 1.09
C PRO D 103 15.17 8.55 1.39
N ASP D 104 16.08 9.26 0.72
CA ASP D 104 16.27 10.70 0.95
C ASP D 104 15.35 11.47 -0.02
N GLY D 105 14.52 12.38 0.50
CA GLY D 105 13.66 13.09 -0.46
C GLY D 105 14.29 14.13 -1.33
N SER D 106 15.56 14.42 -1.12
CA SER D 106 16.26 15.40 -1.96
C SER D 106 17.18 14.78 -2.99
N TRP D 107 17.54 13.52 -2.82
CA TRP D 107 18.48 12.88 -3.74
C TRP D 107 17.94 12.71 -5.19
N TYR D 108 18.84 12.87 -6.15
CA TYR D 108 18.44 12.60 -7.54
C TYR D 108 19.59 11.85 -8.22
N TYR D 109 19.37 11.47 -9.48
CA TYR D 109 20.29 10.52 -10.19
C TYR D 109 20.40 10.98 -11.61
N THR D 110 21.64 11.20 -12.03
CA THR D 110 21.88 11.61 -13.41
C THR D 110 22.39 10.44 -14.31
N ARG D 111 22.63 9.24 -13.77
CA ARG D 111 23.13 8.13 -14.54
C ARG D 111 22.05 7.09 -14.81
N GLY D 112 21.90 6.68 -16.06
CA GLY D 112 20.90 5.66 -16.38
C GLY D 112 21.03 4.37 -15.58
N SER D 113 22.25 4.01 -15.23
CA SER D 113 22.53 2.80 -14.47
C SER D 113 21.95 2.84 -13.04
N SER D 114 21.62 4.05 -12.55
CA SER D 114 21.06 4.21 -11.22
C SER D 114 19.58 3.85 -11.18
N TYR D 115 18.92 3.80 -12.34
CA TYR D 115 17.47 3.66 -12.35
C TYR D 115 17.07 2.22 -12.54
N ASP D 116 16.17 1.83 -11.65
CA ASP D 116 15.64 0.48 -11.63
C ASP D 116 14.45 0.23 -12.58
N TYR D 117 13.60 1.23 -12.86
CA TYR D 117 12.39 1.07 -13.66
C TYR D 117 12.35 2.05 -14.80
N TRP D 118 11.86 1.62 -15.97
CA TRP D 118 11.95 2.41 -17.21
C TRP D 118 10.62 2.34 -17.94
N GLY D 119 10.20 3.44 -18.59
CA GLY D 119 9.02 3.39 -19.38
C GLY D 119 9.36 2.87 -20.79
N GLN D 120 8.39 3.01 -21.68
CA GLN D 120 8.58 2.42 -23.01
C GLN D 120 9.07 3.48 -24.00
N GLY D 121 8.94 4.75 -23.64
CA GLY D 121 9.44 5.81 -24.48
C GLY D 121 8.37 6.52 -25.33
N THR D 122 8.64 7.77 -25.66
CA THR D 122 7.76 8.55 -26.56
C THR D 122 8.60 9.31 -27.55
N GLN D 123 8.22 9.25 -28.83
CA GLN D 123 9.09 9.83 -29.87
C GLN D 123 8.91 11.36 -29.93
N VAL D 124 10.04 12.06 -29.96
CA VAL D 124 10.01 13.52 -30.09
C VAL D 124 10.74 13.90 -31.37
N THR D 125 10.06 14.61 -32.28
CA THR D 125 10.72 14.90 -33.56
C THR D 125 10.71 16.38 -33.88
N VAL D 126 11.89 16.96 -34.09
CA VAL D 126 11.92 18.39 -34.27
C VAL D 126 12.44 18.64 -35.69
N SER D 127 11.61 19.20 -36.54
CA SER D 127 12.01 19.41 -37.95
C SER D 127 12.70 20.75 -38.13
N SER D 128 13.33 20.95 -39.26
CA SER D 128 13.69 22.31 -39.67
C SER D 128 13.40 22.52 -41.15
#